data_1V7X
#
_entry.id   1V7X
#
_cell.length_a   140.871
_cell.length_b   70.355
_cell.length_c   79.939
_cell.angle_alpha   90.00
_cell.angle_beta   98.36
_cell.angle_gamma   90.00
#
_symmetry.space_group_name_H-M   'C 1 2 1'
#
loop_
_entity.id
_entity.type
_entity.pdbx_description
1 polymer 'chitobiose phosphorylase'
2 non-polymer 2-acetamido-2-deoxy-alpha-D-glucopyranose
3 non-polymer 2-acetamido-2-deoxy-beta-D-glucopyranose
4 non-polymer 'CALCIUM ION'
5 non-polymer 'SULFATE ION'
6 water water
#
_entity_poly.entity_id   1
_entity_poly.type   'polypeptide(L)'
_entity_poly.pdbx_seq_one_letter_code
;MKYGYFDNDNREYVITRPDVPAPWTNYLGTEKFCTVISHNAGGYSFYNSPEYNRVTKFRPNATFDRPGHYVYLRDDDSGD
YWSISWQPVAKSLDEAQYQIRHGLSYSKFQCDYNGIHARKTLFVPKGEDAEIWDVVIKNTSDQVRTISAFSFVEFSFSHI
QSDNQNHQMSLYSAGTAYRPGLIEYDLYYNTDDFEGFYYLASTFDPDSYDGQRDRFLGLYRDEANPLAVEQGRCSNSAQT
CYNHCGSLHKQFTLQPGEEIRFAYILGIGKGNGERLREHYQDVANIDAAFAAIKAHWDERCAKFQVKSPNQGLDTMINAW
TLYQAETCVVWSRFASFIEVGGRTGLGYRDTAQDAISVPHANPEMTRKRIVDLLRGQVKAGYGLHLFDPDWFDPEKEDVA
PSKSPTVVPTPSDEDKIHGIKDTCSDDHLWLIPTICKYVMETGETSFFDQMIPYADGGEASVYEHMKAALDFSAEYVGQT
GICKGLRADWNDCLNLGGGESSMVSFLHFWALQEFIDLAKFLGKDQDVNTYTEMAANVREACETHLWDDEGGWYIRGLTK
NGDKIGTAQQQEGRVHLESNTLAVLSGLASQERGEQAMDAVDEHLFSPYGLHLNAPSFSTPNDDIGFVTRVYQGVKENGA
IFSHPNPWAWVAETKLGRGDRAMKFYDALNPYNQNDIIEKRIAEPYSYVQFIMGRDHQDHGRANHPWLTGTSGWAYFAVT
NYILGVQSGFTGLSVDPCIPSDWPGFEVTRQWRGATYHIQVENPDHVSKGVKSITLNGAPIQGRIPPQAQGSDNQVVVVL
GHHHHHH
;
_entity_poly.pdbx_strand_id   A
#
loop_
_chem_comp.id
_chem_comp.type
_chem_comp.name
_chem_comp.formula
CA non-polymer 'CALCIUM ION' 'Ca 2'
NAG D-saccharide, beta linking 2-acetamido-2-deoxy-beta-D-glucopyranose 'C8 H15 N O6'
NDG D-saccharide, alpha linking 2-acetamido-2-deoxy-alpha-D-glucopyranose 'C8 H15 N O6'
SO4 non-polymer 'SULFATE ION' 'O4 S -2'
#
# COMPACT_ATOMS: atom_id res chain seq x y z
N MET A 1 -12.52 14.34 -17.34
CA MET A 1 -12.97 15.07 -16.12
C MET A 1 -12.02 14.81 -14.96
N LYS A 2 -11.66 15.86 -14.24
CA LYS A 2 -10.76 15.74 -13.10
C LYS A 2 -11.36 16.40 -11.88
N TYR A 3 -10.84 16.06 -10.72
CA TYR A 3 -11.31 16.61 -9.46
C TYR A 3 -10.18 17.20 -8.65
N GLY A 4 -8.98 17.21 -9.23
CA GLY A 4 -7.83 17.75 -8.54
C GLY A 4 -6.57 17.76 -9.37
N TYR A 5 -5.44 17.92 -8.71
CA TYR A 5 -4.16 17.96 -9.40
C TYR A 5 -3.01 17.71 -8.44
N PHE A 6 -1.87 17.31 -8.98
CA PHE A 6 -0.68 17.03 -8.18
C PHE A 6 0.07 18.31 -7.89
N ASP A 7 0.37 18.55 -6.61
CA ASP A 7 1.14 19.72 -6.21
C ASP A 7 2.52 19.18 -5.88
N ASN A 8 3.39 19.11 -6.88
CA ASN A 8 4.73 18.58 -6.70
C ASN A 8 5.54 19.32 -5.64
N ASP A 9 5.41 20.64 -5.59
CA ASP A 9 6.15 21.44 -4.62
C ASP A 9 5.88 21.06 -3.17
N ASN A 10 4.62 20.87 -2.81
CA ASN A 10 4.28 20.53 -1.44
C ASN A 10 4.05 19.04 -1.21
N ARG A 11 4.27 18.23 -2.24
CA ARG A 11 4.07 16.79 -2.15
C ARG A 11 2.69 16.47 -1.63
N GLU A 12 1.68 17.06 -2.28
CA GLU A 12 0.30 16.84 -1.89
C GLU A 12 -0.55 16.71 -3.14
N TYR A 13 -1.69 16.04 -3.01
CA TYR A 13 -2.61 15.93 -4.13
C TYR A 13 -3.75 16.82 -3.69
N VAL A 14 -4.05 17.82 -4.51
CA VAL A 14 -5.11 18.77 -4.19
C VAL A 14 -6.43 18.44 -4.85
N ILE A 15 -7.45 18.21 -4.03
CA ILE A 15 -8.79 17.92 -4.51
C ILE A 15 -9.53 19.26 -4.47
N THR A 16 -9.94 19.73 -5.64
CA THR A 16 -10.61 21.02 -5.77
C THR A 16 -12.13 21.01 -5.65
N ARG A 17 -12.73 19.83 -5.80
CA ARG A 17 -14.18 19.69 -5.64
C ARG A 17 -14.43 18.33 -5.01
N PRO A 18 -15.11 18.31 -3.86
CA PRO A 18 -15.45 17.14 -3.06
C PRO A 18 -16.45 16.12 -3.59
N ASP A 19 -17.13 16.43 -4.70
CA ASP A 19 -18.11 15.47 -5.21
C ASP A 19 -17.51 14.41 -6.12
N VAL A 20 -16.37 13.86 -5.70
CA VAL A 20 -15.67 12.80 -6.43
C VAL A 20 -16.60 11.57 -6.47
N PRO A 21 -16.59 10.81 -7.58
CA PRO A 21 -17.45 9.62 -7.69
C PRO A 21 -17.17 8.49 -6.70
N ALA A 22 -16.14 8.65 -5.87
CA ALA A 22 -15.81 7.65 -4.86
C ALA A 22 -14.95 8.28 -3.78
N PRO A 23 -14.86 7.63 -2.61
CA PRO A 23 -14.02 8.22 -1.55
C PRO A 23 -12.56 8.11 -1.94
N TRP A 24 -11.83 9.22 -1.87
CA TRP A 24 -10.40 9.21 -2.19
C TRP A 24 -9.74 9.31 -0.83
N THR A 25 -9.11 8.21 -0.42
CA THR A 25 -8.49 8.10 0.90
C THR A 25 -6.99 8.34 1.04
N ASN A 26 -6.58 8.46 2.30
CA ASN A 26 -5.19 8.69 2.66
C ASN A 26 -4.97 7.98 3.99
N TYR A 27 -3.71 7.68 4.29
CA TYR A 27 -3.37 6.99 5.54
C TYR A 27 -2.61 7.88 6.49
N LEU A 28 -3.11 7.98 7.71
CA LEU A 28 -2.45 8.78 8.75
C LEU A 28 -1.79 7.79 9.70
N GLY A 29 -0.62 8.13 10.21
CA GLY A 29 0.07 7.24 11.13
C GLY A 29 1.26 6.54 10.52
N THR A 30 2.31 6.34 11.33
CA THR A 30 3.52 5.70 10.88
C THR A 30 4.04 4.68 11.88
N GLU A 31 3.36 4.54 13.02
CA GLU A 31 3.80 3.63 14.06
C GLU A 31 2.78 2.53 14.42
N LYS A 32 1.83 2.83 15.30
CA LYS A 32 0.82 1.83 15.68
C LYS A 32 -0.62 2.32 15.49
N PHE A 33 -0.84 3.61 15.69
CA PHE A 33 -2.18 4.21 15.53
C PHE A 33 -2.32 4.61 14.06
N CYS A 34 -3.37 4.10 13.42
CA CYS A 34 -3.60 4.38 12.01
C CYS A 34 -5.01 4.87 11.72
N THR A 35 -5.13 5.73 10.72
CA THR A 35 -6.41 6.27 10.30
C THR A 35 -6.56 6.20 8.79
N VAL A 36 -7.65 5.62 8.31
CA VAL A 36 -7.94 5.56 6.88
C VAL A 36 -9.00 6.65 6.75
N ILE A 37 -8.62 7.78 6.14
CA ILE A 37 -9.53 8.91 6.03
C ILE A 37 -9.76 9.32 4.58
N SER A 38 -11.01 9.69 4.25
CA SER A 38 -11.35 10.10 2.88
C SER A 38 -11.35 11.61 2.73
N HIS A 39 -11.52 12.08 1.50
CA HIS A 39 -11.54 13.50 1.23
C HIS A 39 -12.80 14.15 1.82
N ASN A 40 -13.70 13.32 2.35
CA ASN A 40 -14.92 13.81 2.98
C ASN A 40 -14.86 13.51 4.47
N ALA A 41 -13.64 13.31 4.97
CA ALA A 41 -13.40 13.03 6.38
C ALA A 41 -14.10 11.77 6.87
N GLY A 42 -14.52 10.93 5.93
CA GLY A 42 -15.17 9.69 6.32
C GLY A 42 -14.04 8.70 6.58
N GLY A 43 -14.30 7.69 7.41
CA GLY A 43 -13.24 6.75 7.68
C GLY A 43 -13.14 6.35 9.14
N TYR A 44 -12.06 5.68 9.50
CA TYR A 44 -11.89 5.20 10.85
C TYR A 44 -10.44 5.05 11.25
N SER A 45 -10.23 4.84 12.55
CA SER A 45 -8.89 4.64 13.10
C SER A 45 -8.85 3.31 13.82
N PHE A 46 -7.64 2.77 13.98
CA PHE A 46 -7.44 1.52 14.71
C PHE A 46 -6.04 1.56 15.28
N TYR A 47 -5.77 0.69 16.24
CA TYR A 47 -4.48 0.62 16.88
C TYR A 47 -3.90 -0.79 16.72
N ASN A 48 -2.80 -0.89 15.98
CA ASN A 48 -2.10 -2.16 15.73
C ASN A 48 -2.88 -3.20 14.93
N SER A 49 -3.97 -3.70 15.51
CA SER A 49 -4.82 -4.70 14.86
C SER A 49 -6.13 -4.05 14.41
N PRO A 50 -6.39 -4.01 13.10
CA PRO A 50 -7.65 -3.38 12.69
C PRO A 50 -8.87 -4.20 13.14
N GLU A 51 -8.68 -5.51 13.20
CA GLU A 51 -9.76 -6.43 13.59
C GLU A 51 -10.15 -6.39 15.06
N TYR A 52 -9.17 -6.21 15.94
CA TYR A 52 -9.44 -6.23 17.37
C TYR A 52 -9.25 -4.91 18.12
N ASN A 53 -8.72 -3.90 17.45
CA ASN A 53 -8.50 -2.63 18.12
C ASN A 53 -8.98 -1.44 17.29
N ARG A 54 -10.15 -1.58 16.67
CA ARG A 54 -10.71 -0.48 15.89
C ARG A 54 -11.06 0.58 16.94
N VAL A 55 -10.81 1.85 16.61
CA VAL A 55 -11.09 2.93 17.55
C VAL A 55 -12.40 3.65 17.29
N THR A 56 -12.70 3.94 16.03
CA THR A 56 -13.96 4.59 15.66
C THR A 56 -14.65 3.75 14.61
N LYS A 57 -15.97 3.80 14.56
CA LYS A 57 -16.74 2.98 13.64
C LYS A 57 -16.73 3.35 12.18
N PHE A 58 -17.16 2.39 11.35
CA PHE A 58 -17.25 2.59 9.92
C PHE A 58 -18.31 1.69 9.32
N ARG A 59 -19.28 2.31 8.64
CA ARG A 59 -20.35 1.58 7.97
C ARG A 59 -19.86 1.57 6.52
N PRO A 60 -19.28 0.44 6.10
CA PRO A 60 -18.73 0.25 4.75
C PRO A 60 -19.69 -0.05 3.62
N ASN A 61 -19.17 0.07 2.41
CA ASN A 61 -19.90 -0.27 1.20
C ASN A 61 -21.28 0.40 1.09
N ALA A 62 -21.38 1.66 1.49
CA ALA A 62 -22.66 2.39 1.41
C ALA A 62 -22.47 3.63 0.54
N THR A 63 -23.56 4.32 0.20
CA THR A 63 -23.45 5.50 -0.65
C THR A 63 -22.67 6.65 0.01
N PHE A 64 -22.65 6.64 1.34
CA PHE A 64 -21.89 7.64 2.11
C PHE A 64 -20.82 6.88 2.89
N ASP A 65 -19.67 7.50 3.11
CA ASP A 65 -18.63 6.84 3.88
C ASP A 65 -18.68 7.43 5.29
N ARG A 66 -19.49 6.80 6.14
CA ARG A 66 -19.69 7.25 7.52
C ARG A 66 -19.58 6.10 8.53
N PRO A 67 -19.33 6.44 9.80
CA PRO A 67 -19.12 7.81 10.27
C PRO A 67 -17.69 8.25 9.94
N GLY A 68 -17.25 9.36 10.52
CA GLY A 68 -15.91 9.84 10.27
C GLY A 68 -15.41 10.74 11.38
N HIS A 69 -14.40 11.54 11.08
CA HIS A 69 -13.83 12.47 12.06
C HIS A 69 -14.24 13.85 11.58
N TYR A 70 -15.41 14.28 12.06
CA TYR A 70 -16.01 15.53 11.63
C TYR A 70 -15.95 16.71 12.58
N VAL A 71 -15.95 17.89 12.00
CA VAL A 71 -15.97 19.16 12.73
C VAL A 71 -17.09 19.97 12.10
N TYR A 72 -18.13 20.23 12.89
CA TYR A 72 -19.27 21.01 12.43
C TYR A 72 -19.10 22.45 12.89
N LEU A 73 -19.37 23.40 12.01
CA LEU A 73 -19.29 24.81 12.36
C LEU A 73 -20.71 25.34 12.28
N ARG A 74 -21.06 26.22 13.21
CA ARG A 74 -22.41 26.79 13.26
C ARG A 74 -22.37 28.28 13.50
N ASP A 75 -23.15 29.02 12.73
CA ASP A 75 -23.23 30.47 12.91
C ASP A 75 -24.33 30.63 13.95
N ASP A 76 -23.96 30.98 15.18
CA ASP A 76 -24.95 31.11 16.23
C ASP A 76 -25.91 32.29 16.09
N ASP A 77 -25.70 33.14 15.10
CA ASP A 77 -26.60 34.27 14.88
C ASP A 77 -27.75 33.86 13.97
N SER A 78 -27.47 32.96 13.03
CA SER A 78 -28.48 32.51 12.08
C SER A 78 -28.90 31.06 12.28
N GLY A 79 -28.05 30.28 12.94
CA GLY A 79 -28.38 28.88 13.16
C GLY A 79 -27.92 28.02 12.00
N ASP A 80 -27.29 28.64 11.01
CA ASP A 80 -26.80 27.92 9.84
C ASP A 80 -25.58 27.10 10.26
N TYR A 81 -25.42 25.93 9.67
CA TYR A 81 -24.28 25.09 10.01
C TYR A 81 -23.74 24.31 8.82
N TRP A 82 -22.48 23.92 8.91
CA TRP A 82 -21.81 23.18 7.84
C TRP A 82 -20.61 22.46 8.44
N SER A 83 -20.02 21.54 7.68
CA SER A 83 -18.84 20.83 8.19
C SER A 83 -17.60 21.29 7.43
N ILE A 84 -16.43 21.18 8.06
CA ILE A 84 -15.21 21.63 7.39
C ILE A 84 -14.97 20.74 6.17
N SER A 85 -15.33 19.47 6.30
CA SER A 85 -15.25 18.54 5.18
C SER A 85 -16.61 18.78 4.53
N TRP A 86 -16.73 18.55 3.22
CA TRP A 86 -18.01 18.77 2.54
C TRP A 86 -19.10 17.90 3.19
N GLN A 87 -18.96 16.59 3.08
CA GLN A 87 -19.90 15.70 3.73
C GLN A 87 -19.49 15.82 5.21
N PRO A 88 -20.37 15.50 6.15
CA PRO A 88 -21.74 15.02 5.99
C PRO A 88 -22.83 16.08 5.80
N VAL A 89 -22.55 17.32 6.17
CA VAL A 89 -23.58 18.35 6.02
C VAL A 89 -23.89 18.62 4.55
N ALA A 90 -22.87 18.51 3.70
CA ALA A 90 -23.01 18.70 2.25
C ALA A 90 -23.62 20.04 1.82
N LYS A 91 -23.05 21.13 2.32
CA LYS A 91 -23.53 22.46 1.95
C LYS A 91 -23.33 22.58 0.43
N SER A 92 -24.27 23.23 -0.24
CA SER A 92 -24.22 23.41 -1.69
C SER A 92 -22.85 23.87 -2.21
N LEU A 93 -22.39 23.21 -3.26
CA LEU A 93 -21.10 23.54 -3.86
C LEU A 93 -21.18 24.85 -4.66
N ASP A 94 -22.36 25.45 -4.71
CA ASP A 94 -22.54 26.72 -5.40
C ASP A 94 -22.40 27.81 -4.33
N GLU A 95 -22.43 27.39 -3.07
CA GLU A 95 -22.33 28.30 -1.94
C GLU A 95 -21.01 28.19 -1.18
N ALA A 96 -20.51 26.97 -1.02
CA ALA A 96 -19.27 26.76 -0.28
C ALA A 96 -18.17 26.18 -1.18
N GLN A 97 -16.94 26.67 -0.98
CA GLN A 97 -15.79 26.18 -1.74
C GLN A 97 -14.99 25.26 -0.83
N TYR A 98 -14.78 24.04 -1.29
CA TYR A 98 -14.04 23.05 -0.53
C TYR A 98 -12.73 22.65 -1.19
N GLN A 99 -11.72 22.39 -0.38
CA GLN A 99 -10.43 21.95 -0.89
C GLN A 99 -9.83 20.94 0.07
N ILE A 100 -9.27 19.88 -0.48
CA ILE A 100 -8.64 18.85 0.34
C ILE A 100 -7.24 18.60 -0.17
N ARG A 101 -6.28 18.63 0.74
CA ARG A 101 -4.90 18.36 0.38
C ARG A 101 -4.43 17.10 1.10
N HIS A 102 -4.28 16.02 0.35
CA HIS A 102 -3.80 14.77 0.92
C HIS A 102 -2.29 14.79 0.80
N GLY A 103 -1.62 14.71 1.95
CA GLY A 103 -0.17 14.71 1.97
C GLY A 103 0.32 13.40 2.55
N LEU A 104 1.64 13.26 2.69
CA LEU A 104 2.20 12.03 3.24
C LEU A 104 2.03 11.98 4.76
N SER A 105 1.06 11.18 5.19
CA SER A 105 0.71 10.98 6.60
C SER A 105 -0.03 12.16 7.23
N TYR A 106 -0.76 12.91 6.41
CA TYR A 106 -1.57 14.02 6.90
C TYR A 106 -2.54 14.46 5.82
N SER A 107 -3.69 15.00 6.23
CA SER A 107 -4.69 15.49 5.29
C SER A 107 -5.22 16.83 5.76
N LYS A 108 -5.23 17.80 4.86
CA LYS A 108 -5.72 19.14 5.16
C LYS A 108 -7.07 19.37 4.50
N PHE A 109 -8.06 19.75 5.31
CA PHE A 109 -9.40 20.02 4.82
C PHE A 109 -9.64 21.52 4.93
N GLN A 110 -10.22 22.12 3.89
CA GLN A 110 -10.48 23.55 3.89
C GLN A 110 -11.86 23.88 3.38
N CYS A 111 -12.50 24.87 4.01
CA CYS A 111 -13.82 25.30 3.60
C CYS A 111 -13.97 26.81 3.73
N ASP A 112 -14.43 27.44 2.65
CA ASP A 112 -14.68 28.87 2.62
C ASP A 112 -16.17 28.99 2.36
N TYR A 113 -16.89 29.53 3.34
CA TYR A 113 -18.34 29.64 3.18
C TYR A 113 -18.98 30.80 3.91
N ASN A 114 -19.65 31.65 3.15
CA ASN A 114 -20.36 32.81 3.67
C ASN A 114 -19.61 33.63 4.73
N GLY A 115 -18.40 34.05 4.41
CA GLY A 115 -17.63 34.86 5.33
C GLY A 115 -16.82 34.16 6.40
N ILE A 116 -16.75 32.83 6.35
CA ILE A 116 -15.97 32.10 7.35
C ILE A 116 -14.99 31.15 6.66
N HIS A 117 -13.71 31.32 6.98
CA HIS A 117 -12.66 30.47 6.44
C HIS A 117 -12.31 29.46 7.52
N ALA A 118 -12.27 28.18 7.16
CA ALA A 118 -11.95 27.15 8.15
C ALA A 118 -11.01 26.09 7.59
N ARG A 119 -10.05 25.69 8.40
CA ARG A 119 -9.09 24.67 8.00
C ARG A 119 -9.00 23.62 9.10
N LYS A 120 -8.81 22.37 8.70
CA LYS A 120 -8.69 21.27 9.64
C LYS A 120 -7.64 20.31 9.11
N THR A 121 -6.56 20.13 9.87
CA THR A 121 -5.50 19.22 9.47
C THR A 121 -5.50 18.00 10.37
N LEU A 122 -5.73 16.84 9.79
CA LEU A 122 -5.75 15.60 10.53
C LEU A 122 -4.44 14.85 10.31
N PHE A 123 -3.77 14.49 11.38
CA PHE A 123 -2.53 13.75 11.28
C PHE A 123 -2.21 13.07 12.60
N VAL A 124 -1.55 11.92 12.51
CA VAL A 124 -1.17 11.16 13.67
C VAL A 124 0.30 11.46 13.95
N PRO A 125 0.57 12.15 15.07
CA PRO A 125 1.94 12.52 15.44
C PRO A 125 2.79 11.34 15.89
N LYS A 126 4.07 11.38 15.52
CA LYS A 126 4.98 10.32 15.91
C LYS A 126 5.16 10.41 17.41
N GLY A 127 5.24 9.26 18.08
CA GLY A 127 5.44 9.26 19.51
C GLY A 127 4.15 9.23 20.33
N GLU A 128 3.01 9.37 19.67
CA GLU A 128 1.72 9.32 20.36
C GLU A 128 0.79 8.38 19.63
N ASP A 129 -0.14 7.78 20.36
CA ASP A 129 -1.12 6.89 19.77
C ASP A 129 -2.42 7.69 19.75
N ALA A 130 -2.43 8.72 18.92
CA ALA A 130 -3.57 9.60 18.81
C ALA A 130 -3.56 10.38 17.50
N GLU A 131 -4.71 10.96 17.20
CA GLU A 131 -4.87 11.74 15.99
C GLU A 131 -5.17 13.20 16.38
N ILE A 132 -4.40 14.12 15.82
CA ILE A 132 -4.58 15.55 16.10
C ILE A 132 -5.45 16.16 15.02
N TRP A 133 -6.41 16.98 15.43
CA TRP A 133 -7.27 17.68 14.48
C TRP A 133 -6.91 19.15 14.72
N ASP A 134 -6.00 19.67 13.91
CA ASP A 134 -5.56 21.06 14.04
C ASP A 134 -6.57 21.95 13.30
N VAL A 135 -7.37 22.69 14.05
CA VAL A 135 -8.40 23.54 13.47
C VAL A 135 -8.12 25.03 13.55
N VAL A 136 -8.36 25.71 12.43
CA VAL A 136 -8.17 27.15 12.33
C VAL A 136 -9.46 27.73 11.74
N ILE A 137 -10.04 28.71 12.44
CA ILE A 137 -11.25 29.37 11.98
C ILE A 137 -10.99 30.86 11.85
N LYS A 138 -11.23 31.41 10.68
CA LYS A 138 -11.00 32.84 10.43
C LYS A 138 -12.25 33.53 9.92
N ASN A 139 -12.56 34.68 10.52
CA ASN A 139 -13.70 35.48 10.11
C ASN A 139 -13.24 36.38 8.97
N THR A 140 -13.63 36.04 7.75
CA THR A 140 -13.22 36.84 6.60
C THR A 140 -14.29 37.83 6.16
N SER A 141 -15.36 37.95 6.94
CA SER A 141 -16.43 38.89 6.61
C SER A 141 -16.14 40.24 7.28
N ASP A 142 -16.95 41.24 6.97
CA ASP A 142 -16.75 42.58 7.53
C ASP A 142 -17.55 42.84 8.81
N GLN A 143 -18.06 41.79 9.43
CA GLN A 143 -18.84 41.96 10.66
C GLN A 143 -18.43 40.95 11.72
N VAL A 144 -18.82 41.22 12.96
CA VAL A 144 -18.51 40.31 14.06
C VAL A 144 -19.33 39.04 13.86
N ARG A 145 -18.67 37.89 13.93
CA ARG A 145 -19.36 36.61 13.77
C ARG A 145 -19.20 35.76 15.03
N THR A 146 -20.23 35.00 15.35
CA THR A 146 -20.19 34.11 16.51
C THR A 146 -20.36 32.71 15.95
N ILE A 147 -19.28 31.94 16.00
CA ILE A 147 -19.25 30.59 15.46
C ILE A 147 -18.96 29.52 16.51
N SER A 148 -19.77 28.46 16.50
CA SER A 148 -19.58 27.35 17.42
C SER A 148 -19.01 26.17 16.65
N ALA A 149 -18.09 25.43 17.28
CA ALA A 149 -17.50 24.27 16.65
C ALA A 149 -17.87 23.01 17.43
N PHE A 150 -18.20 21.94 16.71
CA PHE A 150 -18.58 20.67 17.33
C PHE A 150 -17.76 19.55 16.70
N SER A 151 -17.24 18.65 17.52
CA SER A 151 -16.49 17.51 17.00
C SER A 151 -17.42 16.30 17.02
N PHE A 152 -17.04 15.26 16.30
CA PHE A 152 -17.81 14.03 16.31
C PHE A 152 -17.05 12.83 15.79
N VAL A 153 -17.14 11.74 16.55
CA VAL A 153 -16.58 10.45 16.20
C VAL A 153 -17.51 9.50 16.93
N GLU A 154 -17.71 8.31 16.36
CA GLU A 154 -18.52 7.32 17.02
C GLU A 154 -17.51 6.28 17.45
N PHE A 155 -17.35 6.09 18.77
CA PHE A 155 -16.40 5.13 19.29
C PHE A 155 -16.77 3.70 18.94
N SER A 156 -15.76 2.91 18.59
CA SER A 156 -15.95 1.51 18.23
C SER A 156 -15.92 0.62 19.47
N PHE A 157 -16.55 -0.55 19.38
CA PHE A 157 -16.56 -1.50 20.48
C PHE A 157 -15.27 -2.32 20.44
N SER A 158 -14.34 -1.86 19.58
CA SER A 158 -12.99 -2.39 19.36
C SER A 158 -12.86 -3.62 18.48
N HIS A 159 -13.74 -4.59 18.62
CA HIS A 159 -13.69 -5.76 17.73
C HIS A 159 -14.64 -5.41 16.60
N ILE A 160 -14.16 -5.45 15.36
CA ILE A 160 -15.01 -5.13 14.21
C ILE A 160 -16.31 -5.93 14.23
N GLN A 161 -16.22 -7.21 14.57
CA GLN A 161 -17.41 -8.05 14.62
C GLN A 161 -18.42 -7.49 15.64
N SER A 162 -17.92 -6.93 16.73
CA SER A 162 -18.81 -6.38 17.76
C SER A 162 -19.52 -5.11 17.29
N ASP A 163 -18.96 -4.45 16.29
CA ASP A 163 -19.57 -3.25 15.73
C ASP A 163 -20.62 -3.66 14.70
N ASN A 164 -20.34 -4.75 13.99
CA ASN A 164 -21.23 -5.24 12.94
C ASN A 164 -22.35 -6.15 13.43
N GLN A 165 -22.11 -6.87 14.52
CA GLN A 165 -23.10 -7.79 15.05
C GLN A 165 -22.91 -8.04 16.54
N ASN A 166 -23.65 -9.01 17.07
CA ASN A 166 -23.60 -9.39 18.46
C ASN A 166 -23.82 -8.22 19.43
N HIS A 167 -24.67 -7.30 19.02
CA HIS A 167 -24.99 -6.12 19.82
C HIS A 167 -25.67 -6.49 21.14
N GLN A 168 -26.18 -7.72 21.23
CA GLN A 168 -26.83 -8.15 22.46
C GLN A 168 -25.78 -8.11 23.57
N MET A 169 -24.51 -8.08 23.16
CA MET A 169 -23.38 -8.02 24.07
C MET A 169 -22.70 -6.65 23.99
N SER A 170 -22.30 -6.26 22.78
CA SER A 170 -21.56 -5.01 22.60
C SER A 170 -22.26 -3.72 23.02
N LEU A 171 -23.60 -3.69 22.98
CA LEU A 171 -24.33 -2.48 23.38
C LEU A 171 -24.25 -2.19 24.87
N TYR A 172 -23.69 -3.12 25.65
CA TYR A 172 -23.57 -2.94 27.09
C TYR A 172 -22.13 -3.18 27.51
N SER A 173 -21.21 -3.03 26.56
CA SER A 173 -19.79 -3.28 26.80
C SER A 173 -18.94 -2.04 27.00
N ALA A 174 -19.55 -0.86 27.02
CA ALA A 174 -18.75 0.35 27.18
C ALA A 174 -19.53 1.52 27.76
N GLY A 175 -18.81 2.58 28.09
CA GLY A 175 -19.43 3.75 28.65
C GLY A 175 -18.57 4.99 28.49
N THR A 176 -19.18 6.15 28.71
CA THR A 176 -18.46 7.42 28.61
C THR A 176 -18.57 8.20 29.92
N ALA A 177 -17.51 8.95 30.20
CA ALA A 177 -17.45 9.79 31.39
C ALA A 177 -16.83 11.08 30.89
N TYR A 178 -17.05 12.17 31.60
CA TYR A 178 -16.50 13.44 31.18
C TYR A 178 -15.68 14.17 32.24
N ARG A 179 -14.59 14.77 31.79
CA ARG A 179 -13.72 15.58 32.62
C ARG A 179 -13.45 16.77 31.71
N PRO A 180 -13.09 17.92 32.29
CA PRO A 180 -12.83 19.12 31.46
C PRO A 180 -12.11 18.86 30.14
N GLY A 181 -12.80 19.15 29.04
CA GLY A 181 -12.23 18.97 27.70
C GLY A 181 -11.80 17.56 27.35
N LEU A 182 -12.48 16.57 27.92
CA LEU A 182 -12.12 15.19 27.66
C LEU A 182 -13.25 14.21 27.84
N ILE A 183 -13.63 13.54 26.76
CA ILE A 183 -14.67 12.52 26.83
C ILE A 183 -13.88 11.22 26.95
N GLU A 184 -14.07 10.51 28.05
CA GLU A 184 -13.36 9.26 28.24
C GLU A 184 -14.27 8.09 27.91
N TYR A 185 -13.80 7.26 26.98
CA TYR A 185 -14.55 6.09 26.53
C TYR A 185 -13.91 4.83 27.11
N ASP A 186 -14.69 4.10 27.90
CA ASP A 186 -14.19 2.89 28.55
C ASP A 186 -14.76 1.61 27.96
N LEU A 187 -13.87 0.75 27.47
CA LEU A 187 -14.28 -0.55 26.94
C LEU A 187 -14.27 -1.36 28.22
N TYR A 188 -15.42 -1.41 28.88
CA TYR A 188 -15.57 -2.08 30.16
C TYR A 188 -15.01 -3.49 30.31
N TYR A 189 -15.01 -4.27 29.23
CA TYR A 189 -14.49 -5.64 29.33
C TYR A 189 -13.00 -5.77 29.04
N ASN A 190 -12.36 -4.65 28.68
CA ASN A 190 -10.93 -4.66 28.41
C ASN A 190 -10.30 -3.97 29.61
N THR A 191 -9.72 -4.76 30.51
CA THR A 191 -9.11 -4.23 31.73
C THR A 191 -7.83 -3.44 31.55
N ASP A 192 -7.19 -3.54 30.39
CA ASP A 192 -5.95 -2.79 30.15
C ASP A 192 -6.21 -1.28 30.19
N ASP A 193 -5.47 -0.58 31.04
CA ASP A 193 -5.62 0.87 31.16
C ASP A 193 -5.25 1.62 29.90
N PHE A 194 -4.44 1.00 29.04
CA PHE A 194 -4.06 1.66 27.79
C PHE A 194 -5.03 1.29 26.68
N GLU A 195 -4.98 0.03 26.24
CA GLU A 195 -5.84 -0.44 25.16
C GLU A 195 -7.34 -0.44 25.45
N GLY A 196 -7.71 -0.52 26.72
CA GLY A 196 -9.12 -0.54 27.08
C GLY A 196 -9.78 0.81 27.29
N PHE A 197 -9.15 1.88 26.81
CA PHE A 197 -9.70 3.23 26.93
C PHE A 197 -9.38 4.07 25.70
N TYR A 198 -10.37 4.82 25.21
CA TYR A 198 -10.16 5.74 24.09
C TYR A 198 -10.64 7.09 24.63
N TYR A 199 -10.43 8.14 23.87
CA TYR A 199 -10.87 9.47 24.30
C TYR A 199 -10.93 10.44 23.15
N LEU A 200 -11.65 11.53 23.35
CA LEU A 200 -11.73 12.61 22.38
C LEU A 200 -11.60 13.82 23.30
N ALA A 201 -10.53 14.59 23.09
CA ALA A 201 -10.27 15.76 23.92
C ALA A 201 -10.21 17.01 23.07
N SER A 202 -10.20 18.15 23.72
CA SER A 202 -10.13 19.44 23.02
C SER A 202 -9.19 20.34 23.80
N THR A 203 -8.41 21.16 23.10
CA THR A 203 -7.48 22.06 23.77
C THR A 203 -8.26 23.19 24.45
N PHE A 204 -9.46 23.48 23.95
CA PHE A 204 -10.28 24.52 24.54
C PHE A 204 -11.11 23.93 25.68
N ASP A 205 -11.62 24.80 26.56
CA ASP A 205 -12.47 24.33 27.64
C ASP A 205 -13.88 24.41 27.07
N PRO A 206 -14.51 23.24 26.85
CA PRO A 206 -15.85 23.10 26.29
C PRO A 206 -16.98 23.91 26.91
N ASP A 207 -17.97 24.23 26.08
CA ASP A 207 -19.17 24.92 26.54
C ASP A 207 -20.19 23.82 26.81
N SER A 208 -20.06 22.71 26.07
CA SER A 208 -20.96 21.56 26.22
C SER A 208 -20.31 20.32 25.60
N TYR A 209 -20.88 19.16 25.88
CA TYR A 209 -20.34 17.90 25.34
C TYR A 209 -21.41 16.85 25.20
N ASP A 210 -21.08 15.78 24.47
CA ASP A 210 -21.99 14.66 24.30
C ASP A 210 -21.19 13.38 24.15
N GLY A 211 -21.53 12.38 24.96
CA GLY A 211 -20.87 11.11 24.91
C GLY A 211 -21.81 10.04 24.37
N GLN A 212 -23.09 10.37 24.27
CA GLN A 212 -24.10 9.43 23.76
C GLN A 212 -24.46 9.80 22.32
N ARG A 213 -24.26 8.87 21.41
CA ARG A 213 -24.54 9.09 20.00
C ARG A 213 -26.00 9.50 19.77
N ASP A 214 -26.92 8.83 20.44
CA ASP A 214 -28.33 9.13 20.25
C ASP A 214 -28.73 10.54 20.67
N ARG A 215 -27.98 11.13 21.60
CA ARG A 215 -28.26 12.48 22.06
C ARG A 215 -27.65 13.52 21.11
N PHE A 216 -26.42 13.29 20.67
CA PHE A 216 -25.76 14.23 19.77
C PHE A 216 -26.48 14.26 18.41
N LEU A 217 -26.66 13.10 17.80
CA LEU A 217 -27.33 13.02 16.51
C LEU A 217 -28.82 13.28 16.64
N GLY A 218 -29.44 12.67 17.64
CA GLY A 218 -30.86 12.86 17.83
C GLY A 218 -31.69 11.81 17.12
N LEU A 219 -32.97 11.76 17.46
CA LEU A 219 -33.89 10.80 16.88
C LEU A 219 -34.20 11.06 15.41
N TYR A 220 -34.09 10.00 14.61
CA TYR A 220 -34.36 10.08 13.17
C TYR A 220 -33.53 11.12 12.44
N ARG A 221 -32.27 11.22 12.84
CA ARG A 221 -31.30 12.13 12.25
C ARG A 221 -30.02 11.32 12.13
N ASP A 222 -29.06 11.82 11.35
CA ASP A 222 -27.78 11.16 11.22
C ASP A 222 -26.68 12.23 11.15
N GLU A 223 -25.48 11.82 10.77
CA GLU A 223 -24.33 12.72 10.71
C GLU A 223 -24.55 13.97 9.87
N ALA A 224 -25.50 13.92 8.95
CA ALA A 224 -25.77 15.07 8.09
C ALA A 224 -26.47 16.22 8.82
N ASN A 225 -27.26 15.90 9.85
CA ASN A 225 -28.00 16.92 10.58
C ASN A 225 -28.14 16.62 12.08
N PRO A 226 -27.02 16.59 12.80
CA PRO A 226 -27.04 16.31 14.25
C PRO A 226 -27.95 17.28 15.00
N LEU A 227 -28.72 16.75 15.95
CA LEU A 227 -29.61 17.58 16.75
C LEU A 227 -28.83 18.62 17.53
N ALA A 228 -27.71 18.20 18.13
CA ALA A 228 -26.88 19.11 18.91
C ALA A 228 -26.41 20.30 18.07
N VAL A 229 -25.93 20.02 16.87
CA VAL A 229 -25.44 21.06 15.97
C VAL A 229 -26.58 21.97 15.54
N GLU A 230 -27.73 21.39 15.21
CA GLU A 230 -28.86 22.20 14.79
C GLU A 230 -29.35 23.13 15.90
N GLN A 231 -29.41 22.64 17.14
CA GLN A 231 -29.88 23.46 18.25
C GLN A 231 -28.79 24.36 18.84
N GLY A 232 -27.54 24.12 18.45
CA GLY A 232 -26.44 24.93 18.91
C GLY A 232 -25.86 24.58 20.26
N ARG A 233 -26.03 23.34 20.71
CA ARG A 233 -25.51 22.95 22.00
C ARG A 233 -25.66 21.45 22.20
N CYS A 234 -24.72 20.83 22.91
CA CYS A 234 -24.80 19.40 23.18
C CYS A 234 -25.70 19.20 24.40
N SER A 235 -26.01 17.95 24.73
CA SER A 235 -26.87 17.66 25.87
C SER A 235 -26.09 17.21 27.10
N ASN A 236 -24.76 17.26 27.00
CA ASN A 236 -23.89 16.88 28.11
C ASN A 236 -24.17 15.46 28.59
N SER A 237 -24.35 14.55 27.63
CA SER A 237 -24.63 13.15 27.93
C SER A 237 -23.35 12.35 28.18
N ALA A 238 -23.47 11.37 29.05
CA ALA A 238 -22.36 10.49 29.40
C ALA A 238 -22.97 9.40 30.28
N GLN A 239 -22.80 8.15 29.87
CA GLN A 239 -23.37 7.04 30.64
C GLN A 239 -22.79 5.74 30.15
N THR A 240 -23.20 4.66 30.78
CA THR A 240 -22.74 3.35 30.38
C THR A 240 -23.80 2.78 29.44
N CYS A 241 -23.37 1.96 28.48
CA CYS A 241 -24.25 1.31 27.53
C CYS A 241 -24.73 2.13 26.35
N TYR A 242 -25.12 1.41 25.30
CA TYR A 242 -25.59 1.97 24.04
C TYR A 242 -24.42 2.53 23.21
N ASN A 243 -24.71 3.33 22.20
CA ASN A 243 -23.63 3.85 21.34
C ASN A 243 -23.05 5.18 21.80
N HIS A 244 -21.72 5.22 21.86
CA HIS A 244 -21.02 6.40 22.34
C HIS A 244 -20.32 7.21 21.26
N CYS A 245 -20.15 8.49 21.55
CA CYS A 245 -19.49 9.40 20.62
C CYS A 245 -18.60 10.37 21.37
N GLY A 246 -17.77 11.10 20.63
CA GLY A 246 -16.87 12.06 21.25
C GLY A 246 -17.16 13.43 20.65
N SER A 247 -18.06 14.18 21.27
CA SER A 247 -18.40 15.50 20.78
C SER A 247 -18.12 16.58 21.81
N LEU A 248 -17.24 17.51 21.45
CA LEU A 248 -16.87 18.62 22.32
C LEU A 248 -17.22 19.91 21.58
N HIS A 249 -17.94 20.79 22.27
CA HIS A 249 -18.41 22.04 21.68
C HIS A 249 -17.88 23.31 22.35
N LYS A 250 -17.63 24.33 21.53
CA LYS A 250 -17.15 25.61 22.02
C LYS A 250 -17.63 26.73 21.09
N GLN A 251 -18.13 27.81 21.69
CA GLN A 251 -18.59 28.95 20.90
C GLN A 251 -17.49 30.01 20.88
N PHE A 252 -17.28 30.59 19.71
CA PHE A 252 -16.25 31.62 19.57
C PHE A 252 -16.86 32.89 19.00
N THR A 253 -16.35 34.03 19.46
CA THR A 253 -16.79 35.33 18.97
C THR A 253 -15.60 35.86 18.19
N LEU A 254 -15.79 36.11 16.90
CA LEU A 254 -14.69 36.58 16.05
C LEU A 254 -14.89 37.96 15.43
N GLN A 255 -13.93 38.84 15.68
CA GLN A 255 -13.96 40.18 15.12
C GLN A 255 -13.62 40.02 13.65
N PRO A 256 -13.99 41.00 12.81
CA PRO A 256 -13.68 40.90 11.38
C PRO A 256 -12.19 40.65 11.16
N GLY A 257 -11.88 39.63 10.36
CA GLY A 257 -10.49 39.32 10.07
C GLY A 257 -9.76 38.52 11.15
N GLU A 258 -10.39 38.33 12.29
CA GLU A 258 -9.78 37.60 13.39
C GLU A 258 -9.82 36.09 13.17
N GLU A 259 -8.78 35.40 13.63
CA GLU A 259 -8.73 33.95 13.49
C GLU A 259 -8.31 33.30 14.81
N ILE A 260 -8.82 32.09 15.02
CA ILE A 260 -8.51 31.33 16.21
C ILE A 260 -8.00 29.97 15.83
N ARG A 261 -7.30 29.33 16.76
CA ARG A 261 -6.74 28.02 16.51
C ARG A 261 -6.89 27.17 17.77
N PHE A 262 -7.24 25.91 17.59
CA PHE A 262 -7.41 24.98 18.71
C PHE A 262 -7.33 23.59 18.10
N ALA A 263 -7.33 22.57 18.94
CA ALA A 263 -7.25 21.22 18.43
C ALA A 263 -8.10 20.22 19.17
N TYR A 264 -8.50 19.19 18.46
CA TYR A 264 -9.26 18.09 19.03
C TYR A 264 -8.25 16.96 18.99
N ILE A 265 -8.35 16.02 19.92
CA ILE A 265 -7.41 14.89 19.90
C ILE A 265 -8.16 13.59 20.16
N LEU A 266 -8.07 12.67 19.20
CA LEU A 266 -8.69 11.35 19.32
C LEU A 266 -7.56 10.41 19.68
N GLY A 267 -7.67 9.69 20.79
CA GLY A 267 -6.59 8.81 21.18
C GLY A 267 -6.91 7.60 22.03
N ILE A 268 -5.87 6.89 22.44
CA ILE A 268 -6.03 5.68 23.25
C ILE A 268 -5.25 5.75 24.57
N GLY A 269 -5.80 5.13 25.61
CA GLY A 269 -5.15 5.09 26.90
C GLY A 269 -5.51 6.14 27.93
N LYS A 270 -5.71 5.71 29.17
CA LYS A 270 -6.03 6.63 30.26
C LYS A 270 -4.83 7.56 30.48
N GLY A 271 -5.11 8.77 30.95
CA GLY A 271 -4.04 9.72 31.21
C GLY A 271 -3.54 10.51 30.02
N ASN A 272 -3.53 9.91 28.84
CA ASN A 272 -3.03 10.59 27.65
C ASN A 272 -3.87 11.77 27.18
N GLY A 273 -5.19 11.64 27.30
CA GLY A 273 -6.06 12.71 26.85
C GLY A 273 -5.83 14.01 27.59
N GLU A 274 -5.80 13.94 28.93
CA GLU A 274 -5.59 15.12 29.76
C GLU A 274 -4.23 15.74 29.45
N ARG A 275 -3.25 14.89 29.21
CA ARG A 275 -1.89 15.32 28.92
C ARG A 275 -1.79 16.03 27.58
N LEU A 276 -2.26 15.37 26.53
CA LEU A 276 -2.17 15.96 25.19
C LEU A 276 -3.02 17.20 24.96
N ARG A 277 -4.20 17.28 25.56
CA ARG A 277 -5.02 18.47 25.36
C ARG A 277 -4.28 19.67 25.95
N GLU A 278 -3.55 19.43 27.03
CA GLU A 278 -2.78 20.47 27.69
C GLU A 278 -1.53 20.80 26.87
N HIS A 279 -0.85 19.76 26.41
CA HIS A 279 0.36 19.90 25.61
C HIS A 279 0.10 20.74 24.36
N TYR A 280 -0.98 20.42 23.64
CA TYR A 280 -1.31 21.14 22.41
C TYR A 280 -1.99 22.50 22.56
N GLN A 281 -2.18 22.96 23.80
CA GLN A 281 -2.79 24.28 24.00
C GLN A 281 -1.76 25.29 23.51
N ASP A 282 -0.51 24.86 23.48
CA ASP A 282 0.57 25.68 22.95
C ASP A 282 0.65 25.18 21.51
N VAL A 283 0.08 25.95 20.59
CA VAL A 283 0.06 25.56 19.19
C VAL A 283 1.43 25.27 18.60
N ALA A 284 2.47 25.78 19.23
CA ALA A 284 3.83 25.54 18.75
C ALA A 284 4.14 24.05 18.84
N ASN A 285 3.50 23.35 19.77
CA ASN A 285 3.75 21.91 19.91
C ASN A 285 3.05 21.14 18.78
N ILE A 286 1.99 21.70 18.24
CA ILE A 286 1.28 21.08 17.13
C ILE A 286 2.15 21.25 15.89
N ASP A 287 2.71 22.44 15.73
CA ASP A 287 3.58 22.73 14.59
C ASP A 287 4.84 21.85 14.61
N ALA A 288 5.39 21.61 15.80
CA ALA A 288 6.58 20.79 15.91
C ALA A 288 6.22 19.36 15.52
N ALA A 289 5.06 18.89 15.99
CA ALA A 289 4.63 17.54 15.67
C ALA A 289 4.43 17.39 14.16
N PHE A 290 3.79 18.38 13.54
CA PHE A 290 3.56 18.33 12.10
C PHE A 290 4.90 18.36 11.37
N ALA A 291 5.84 19.13 11.88
CA ALA A 291 7.16 19.25 11.28
C ALA A 291 7.89 17.91 11.32
N ALA A 292 7.61 17.10 12.34
CA ALA A 292 8.24 15.80 12.46
C ALA A 292 7.69 14.85 11.41
N ILE A 293 6.42 15.04 11.06
CA ILE A 293 5.78 14.21 10.03
C ILE A 293 6.36 14.56 8.67
N LYS A 294 6.63 15.85 8.45
CA LYS A 294 7.21 16.27 7.18
C LYS A 294 8.63 15.71 7.08
N ALA A 295 9.37 15.82 8.17
CA ALA A 295 10.76 15.32 8.21
C ALA A 295 10.81 13.83 7.94
N HIS A 296 9.90 13.09 8.56
CA HIS A 296 9.80 11.64 8.40
C HIS A 296 9.84 11.25 6.93
N TRP A 297 9.01 11.90 6.12
CA TRP A 297 8.97 11.58 4.70
C TRP A 297 10.03 12.30 3.86
N ASP A 298 10.49 13.47 4.31
CA ASP A 298 11.54 14.17 3.59
C ASP A 298 12.76 13.23 3.60
N GLU A 299 13.05 12.68 4.77
CA GLU A 299 14.17 11.77 4.94
C GLU A 299 14.08 10.56 4.02
N ARG A 300 12.89 9.97 3.92
CA ARG A 300 12.68 8.80 3.08
C ARG A 300 12.73 9.14 1.59
N CYS A 301 12.03 10.20 1.17
CA CYS A 301 12.02 10.58 -0.23
C CYS A 301 13.41 10.90 -0.77
N ALA A 302 14.21 11.59 0.05
CA ALA A 302 15.55 11.99 -0.35
C ALA A 302 16.51 10.85 -0.65
N LYS A 303 16.16 9.63 -0.23
CA LYS A 303 17.05 8.50 -0.45
C LYS A 303 17.02 7.95 -1.88
N PHE A 304 16.05 8.40 -2.66
CA PHE A 304 15.94 8.03 -4.07
C PHE A 304 15.06 9.06 -4.75
N GLN A 305 15.68 9.92 -5.55
CA GLN A 305 14.96 10.95 -6.28
C GLN A 305 15.40 10.85 -7.73
N VAL A 306 14.44 10.99 -8.65
CA VAL A 306 14.76 10.91 -10.06
C VAL A 306 14.28 12.13 -10.84
N LYS A 307 15.05 12.51 -11.85
CA LYS A 307 14.71 13.62 -12.72
C LYS A 307 14.84 13.03 -14.12
N SER A 308 13.73 12.97 -14.84
CA SER A 308 13.74 12.39 -16.18
C SER A 308 12.78 13.14 -17.10
N PRO A 309 12.69 12.70 -18.37
CA PRO A 309 11.80 13.32 -19.36
C PRO A 309 10.32 13.02 -19.07
N ASN A 310 10.07 12.01 -18.24
CA ASN A 310 8.70 11.60 -17.91
C ASN A 310 8.25 12.20 -16.58
N GLN A 311 7.43 13.24 -16.65
CA GLN A 311 6.94 13.90 -15.44
C GLN A 311 6.08 12.98 -14.59
N GLY A 312 5.30 12.12 -15.25
CA GLY A 312 4.45 11.20 -14.54
C GLY A 312 5.26 10.25 -13.68
N LEU A 313 6.33 9.71 -14.24
CA LEU A 313 7.20 8.78 -13.53
C LEU A 313 7.86 9.49 -12.35
N ASP A 314 8.43 10.66 -12.62
CA ASP A 314 9.09 11.46 -11.59
C ASP A 314 8.17 11.75 -10.40
N THR A 315 6.98 12.26 -10.68
CA THR A 315 6.02 12.60 -9.63
C THR A 315 5.69 11.41 -8.75
N MET A 316 5.47 10.26 -9.37
CA MET A 316 5.11 9.06 -8.63
C MET A 316 6.27 8.42 -7.86
N ILE A 317 7.41 8.24 -8.53
CA ILE A 317 8.57 7.63 -7.88
C ILE A 317 9.13 8.50 -6.76
N ASN A 318 9.13 9.81 -6.96
CA ASN A 318 9.67 10.72 -5.96
C ASN A 318 8.81 10.90 -4.72
N ALA A 319 7.58 10.40 -4.76
CA ALA A 319 6.71 10.54 -3.59
C ALA A 319 5.60 9.50 -3.46
N TRP A 320 4.55 9.65 -4.24
CA TRP A 320 3.38 8.79 -4.18
C TRP A 320 3.53 7.28 -4.20
N THR A 321 4.33 6.75 -5.11
CA THR A 321 4.47 5.30 -5.15
C THR A 321 5.35 4.80 -4.01
N LEU A 322 6.31 5.62 -3.58
CA LEU A 322 7.17 5.27 -2.45
C LEU A 322 6.26 5.17 -1.23
N TYR A 323 5.44 6.21 -1.07
CA TYR A 323 4.48 6.35 0.01
C TYR A 323 3.50 5.15 0.08
N GLN A 324 2.96 4.78 -1.07
CA GLN A 324 2.02 3.66 -1.12
C GLN A 324 2.70 2.33 -0.79
N ALA A 325 3.90 2.15 -1.33
CA ALA A 325 4.67 0.92 -1.08
C ALA A 325 5.02 0.77 0.40
N GLU A 326 5.49 1.86 1.03
CA GLU A 326 5.85 1.77 2.43
C GLU A 326 4.62 1.62 3.31
N THR A 327 3.48 2.14 2.85
CA THR A 327 2.23 2.02 3.60
C THR A 327 1.86 0.55 3.68
N CYS A 328 2.09 -0.18 2.59
CA CYS A 328 1.79 -1.61 2.56
C CYS A 328 2.71 -2.36 3.53
N VAL A 329 3.99 -2.03 3.50
CA VAL A 329 4.96 -2.69 4.38
C VAL A 329 4.66 -2.45 5.86
N VAL A 330 4.27 -1.22 6.19
CA VAL A 330 3.97 -0.86 7.56
C VAL A 330 2.59 -1.32 8.05
N TRP A 331 1.55 -0.98 7.30
CA TRP A 331 0.18 -1.31 7.70
C TRP A 331 -0.43 -2.60 7.14
N SER A 332 0.33 -3.32 6.33
CA SER A 332 -0.15 -4.57 5.75
C SER A 332 -1.25 -4.32 4.71
N ARG A 333 -2.14 -5.31 4.53
CA ARG A 333 -3.18 -5.20 3.49
C ARG A 333 -4.61 -5.25 3.95
N PHE A 334 -4.86 -5.24 5.25
CA PHE A 334 -6.22 -5.40 5.71
C PHE A 334 -6.97 -4.25 6.38
N ALA A 335 -6.58 -3.02 6.07
CA ALA A 335 -7.27 -1.87 6.64
C ALA A 335 -7.46 -0.77 5.59
N SER A 336 -8.61 -0.76 4.93
CA SER A 336 -8.91 0.26 3.93
C SER A 336 -10.42 0.45 3.94
N PHE A 337 -10.98 0.90 2.83
CA PHE A 337 -12.42 1.08 2.74
C PHE A 337 -12.99 -0.18 2.08
N ILE A 338 -12.10 -1.05 1.62
CA ILE A 338 -12.50 -2.31 0.98
C ILE A 338 -12.26 -3.47 1.95
N GLU A 339 -11.12 -3.46 2.64
CA GLU A 339 -10.81 -4.47 3.64
C GLU A 339 -11.27 -3.83 4.94
N VAL A 340 -12.39 -4.31 5.46
CA VAL A 340 -12.98 -3.75 6.66
C VAL A 340 -13.40 -4.80 7.69
N GLY A 341 -12.72 -5.94 7.70
CA GLY A 341 -13.07 -6.97 8.67
C GLY A 341 -12.88 -8.39 8.19
N GLY A 342 -12.50 -9.27 9.12
CA GLY A 342 -12.28 -10.66 8.79
C GLY A 342 -10.80 -10.93 8.77
N ARG A 343 -10.22 -10.91 7.57
CA ARG A 343 -8.80 -11.14 7.43
C ARG A 343 -8.05 -10.03 8.15
N THR A 344 -6.96 -10.41 8.83
CA THR A 344 -6.14 -9.45 9.57
C THR A 344 -4.75 -10.06 9.75
N GLY A 345 -3.78 -9.21 10.05
CA GLY A 345 -2.42 -9.68 10.25
C GLY A 345 -1.58 -9.51 9.00
N LEU A 346 -0.91 -10.57 8.57
CA LEU A 346 -0.07 -10.52 7.38
C LEU A 346 -0.38 -11.64 6.39
N GLY A 347 -0.45 -11.28 5.11
CA GLY A 347 -0.65 -12.27 4.06
C GLY A 347 0.77 -12.63 3.68
N TYR A 348 1.13 -13.91 3.73
CA TYR A 348 2.51 -14.31 3.44
C TYR A 348 3.12 -13.78 2.15
N ARG A 349 2.56 -14.16 1.02
CA ARG A 349 3.10 -13.72 -0.26
C ARG A 349 3.01 -12.20 -0.45
N ASP A 350 1.98 -11.59 0.15
CA ASP A 350 1.78 -10.16 0.01
C ASP A 350 2.93 -9.37 0.63
N THR A 351 3.17 -9.59 1.92
CA THR A 351 4.25 -8.88 2.60
C THR A 351 5.62 -9.35 2.12
N ALA A 352 5.75 -10.64 1.78
CA ALA A 352 7.02 -11.15 1.29
C ALA A 352 7.47 -10.34 0.09
N GLN A 353 6.52 -10.01 -0.80
CA GLN A 353 6.82 -9.21 -1.97
C GLN A 353 6.95 -7.73 -1.64
N ASP A 354 6.05 -7.19 -0.83
CA ASP A 354 6.10 -5.78 -0.44
C ASP A 354 7.47 -5.42 0.15
N ALA A 355 7.96 -6.26 1.04
CA ALA A 355 9.23 -6.02 1.73
C ALA A 355 10.45 -5.86 0.84
N ILE A 356 10.34 -6.17 -0.45
CA ILE A 356 11.48 -6.01 -1.34
C ILE A 356 11.57 -4.59 -1.88
N SER A 357 10.50 -3.83 -1.73
CA SER A 357 10.43 -2.48 -2.31
C SER A 357 11.11 -1.28 -1.67
N VAL A 358 11.08 -1.14 -0.35
CA VAL A 358 11.69 0.03 0.26
C VAL A 358 12.76 -0.17 1.34
N PRO A 359 13.63 -1.17 1.20
CA PRO A 359 14.64 -1.35 2.25
C PRO A 359 15.61 -0.17 2.32
N HIS A 360 15.69 0.61 1.23
CA HIS A 360 16.58 1.76 1.17
C HIS A 360 16.04 2.93 2.00
N ALA A 361 14.71 2.98 2.17
CA ALA A 361 14.06 4.06 2.91
C ALA A 361 13.65 3.69 4.33
N ASN A 362 13.13 2.47 4.51
CA ASN A 362 12.73 2.02 5.84
C ASN A 362 13.28 0.62 6.07
N PRO A 363 14.60 0.52 6.31
CA PRO A 363 15.23 -0.78 6.54
C PRO A 363 14.75 -1.46 7.81
N GLU A 364 14.44 -0.66 8.83
CA GLU A 364 13.97 -1.21 10.10
C GLU A 364 12.64 -1.93 9.97
N MET A 365 11.66 -1.32 9.31
CA MET A 365 10.37 -1.97 9.16
C MET A 365 10.48 -3.17 8.22
N THR A 366 11.35 -3.06 7.23
CA THR A 366 11.57 -4.13 6.26
C THR A 366 12.10 -5.35 7.00
N ARG A 367 13.10 -5.13 7.85
CA ARG A 367 13.71 -6.22 8.63
C ARG A 367 12.65 -6.84 9.53
N LYS A 368 11.84 -6.00 10.16
CA LYS A 368 10.78 -6.48 11.05
C LYS A 368 9.82 -7.40 10.32
N ARG A 369 9.38 -7.00 9.13
CA ARG A 369 8.45 -7.82 8.35
C ARG A 369 9.10 -9.12 7.87
N ILE A 370 10.36 -9.05 7.47
CA ILE A 370 11.07 -10.24 7.03
C ILE A 370 11.13 -11.22 8.19
N VAL A 371 11.46 -10.72 9.39
CA VAL A 371 11.52 -11.57 10.57
C VAL A 371 10.12 -12.14 10.85
N ASP A 372 9.07 -11.33 10.69
CA ASP A 372 7.72 -11.83 10.91
C ASP A 372 7.46 -13.02 10.00
N LEU A 373 7.81 -12.87 8.73
CA LEU A 373 7.61 -13.92 7.73
C LEU A 373 8.42 -15.17 8.04
N LEU A 374 9.64 -14.99 8.53
CA LEU A 374 10.49 -16.14 8.87
C LEU A 374 9.87 -16.88 10.05
N ARG A 375 9.30 -16.13 11.00
CA ARG A 375 8.65 -16.74 12.16
C ARG A 375 7.36 -17.42 11.73
N GLY A 376 6.78 -16.93 10.63
CA GLY A 376 5.53 -17.48 10.12
C GLY A 376 5.72 -18.63 9.14
N GLN A 377 6.95 -19.14 9.04
CA GLN A 377 7.24 -20.25 8.16
C GLN A 377 7.38 -21.51 9.01
N VAL A 378 6.90 -22.64 8.50
CA VAL A 378 6.97 -23.91 9.22
C VAL A 378 8.20 -24.71 8.79
N LYS A 379 8.62 -25.67 9.62
CA LYS A 379 9.78 -26.49 9.32
C LYS A 379 9.76 -27.08 7.91
N ALA A 380 8.58 -27.52 7.47
CA ALA A 380 8.44 -28.11 6.14
C ALA A 380 8.97 -27.18 5.07
N GLY A 381 8.94 -25.87 5.34
CA GLY A 381 9.45 -24.92 4.38
C GLY A 381 8.45 -23.93 3.81
N TYR A 382 7.15 -24.25 3.89
CA TYR A 382 6.15 -23.34 3.35
C TYR A 382 5.72 -22.32 4.41
N GLY A 383 5.02 -21.28 3.97
CA GLY A 383 4.59 -20.26 4.91
C GLY A 383 3.10 -20.35 5.24
N LEU A 384 2.71 -19.80 6.38
CA LEU A 384 1.30 -19.78 6.77
C LEU A 384 0.71 -18.70 5.88
N HIS A 385 -0.26 -19.06 5.06
CA HIS A 385 -0.87 -18.13 4.12
C HIS A 385 -1.31 -16.80 4.74
N LEU A 386 -1.96 -16.88 5.90
CA LEU A 386 -2.43 -15.71 6.61
C LEU A 386 -2.16 -15.94 8.09
N PHE A 387 -1.49 -14.98 8.74
CA PHE A 387 -1.18 -15.13 10.15
C PHE A 387 -0.99 -13.77 10.82
N ASP A 388 -1.06 -13.76 12.15
CA ASP A 388 -0.87 -12.52 12.89
C ASP A 388 0.55 -12.55 13.44
N PRO A 389 1.41 -11.61 13.01
CA PRO A 389 2.78 -11.58 13.49
C PRO A 389 2.91 -11.53 15.01
N ASP A 390 1.89 -10.97 15.68
CA ASP A 390 1.94 -10.90 17.14
C ASP A 390 1.89 -12.28 17.77
N TRP A 391 1.38 -13.27 17.05
CA TRP A 391 1.31 -14.62 17.59
C TRP A 391 2.70 -15.16 17.88
N PHE A 392 3.65 -14.79 17.02
CA PHE A 392 5.03 -15.27 17.15
C PHE A 392 6.04 -14.26 17.68
N ASP A 393 5.57 -13.10 18.11
CA ASP A 393 6.46 -12.07 18.62
C ASP A 393 6.87 -12.33 20.07
N PRO A 394 8.15 -12.67 20.28
CA PRO A 394 8.63 -12.95 21.64
C PRO A 394 8.44 -11.74 22.55
N ILE A 417 -1.39 -22.71 12.77
CA ILE A 417 -0.65 -23.58 11.81
C ILE A 417 -1.61 -24.39 10.96
N HIS A 418 -1.55 -24.19 9.65
CA HIS A 418 -2.43 -24.94 8.74
C HIS A 418 -1.66 -26.08 8.10
N GLY A 419 -2.40 -27.05 7.55
CA GLY A 419 -1.77 -28.18 6.91
C GLY A 419 -1.37 -27.93 5.48
N ILE A 420 -0.88 -28.97 4.81
CA ILE A 420 -0.44 -28.87 3.43
C ILE A 420 -1.61 -28.58 2.47
N LYS A 421 -2.84 -28.79 2.96
CA LYS A 421 -4.03 -28.57 2.15
C LYS A 421 -4.35 -27.09 1.98
N ASP A 422 -4.02 -26.27 2.98
CA ASP A 422 -4.28 -24.84 2.91
C ASP A 422 -3.03 -24.09 2.47
N THR A 423 -2.00 -24.84 2.12
CA THR A 423 -0.74 -24.27 1.69
C THR A 423 -0.81 -23.75 0.25
N CYS A 424 -0.29 -22.55 0.04
CA CYS A 424 -0.24 -21.96 -1.29
C CYS A 424 1.19 -22.17 -1.74
N SER A 425 1.34 -22.68 -2.96
CA SER A 425 2.65 -23.02 -3.53
C SER A 425 3.71 -21.95 -3.76
N ASP A 426 3.31 -20.69 -3.85
CA ASP A 426 4.29 -19.63 -4.10
C ASP A 426 4.72 -18.81 -2.88
N ASP A 427 3.83 -18.69 -1.90
CA ASP A 427 4.10 -17.88 -0.70
C ASP A 427 5.54 -17.77 -0.22
N HIS A 428 6.12 -18.90 0.17
CA HIS A 428 7.49 -18.94 0.69
C HIS A 428 8.61 -18.55 -0.26
N LEU A 429 8.41 -18.79 -1.56
CA LEU A 429 9.45 -18.47 -2.54
C LEU A 429 9.76 -16.97 -2.69
N TRP A 430 8.74 -16.14 -2.59
CA TRP A 430 8.94 -14.70 -2.72
C TRP A 430 9.88 -14.15 -1.66
N LEU A 431 9.92 -14.81 -0.51
CA LEU A 431 10.77 -14.37 0.59
C LEU A 431 12.27 -14.40 0.26
N ILE A 432 12.68 -15.32 -0.60
CA ILE A 432 14.10 -15.44 -0.96
C ILE A 432 14.69 -14.19 -1.60
N PRO A 433 14.14 -13.73 -2.73
CA PRO A 433 14.70 -12.53 -3.36
C PRO A 433 14.63 -11.33 -2.40
N THR A 434 13.59 -11.31 -1.58
CA THR A 434 13.40 -10.21 -0.65
C THR A 434 14.46 -10.17 0.43
N ILE A 435 14.84 -11.32 0.98
CA ILE A 435 15.87 -11.35 2.01
C ILE A 435 17.22 -10.96 1.42
N CYS A 436 17.53 -11.50 0.23
CA CYS A 436 18.79 -11.17 -0.43
C CYS A 436 18.88 -9.66 -0.66
N LYS A 437 17.77 -9.06 -1.12
CA LYS A 437 17.74 -7.63 -1.38
C LYS A 437 17.97 -6.83 -0.10
N TYR A 438 17.34 -7.24 0.98
CA TYR A 438 17.50 -6.57 2.27
C TYR A 438 18.96 -6.50 2.70
N VAL A 439 19.66 -7.62 2.60
CA VAL A 439 21.08 -7.66 2.99
C VAL A 439 21.93 -6.86 2.01
N MET A 440 21.63 -6.97 0.72
CA MET A 440 22.38 -6.22 -0.29
C MET A 440 22.27 -4.73 0.04
N GLU A 441 21.05 -4.31 0.36
CA GLU A 441 20.76 -2.92 0.66
C GLU A 441 21.40 -2.39 1.94
N THR A 442 21.27 -3.13 3.02
CA THR A 442 21.79 -2.71 4.32
C THR A 442 23.21 -3.17 4.63
N GLY A 443 23.62 -4.29 4.04
CA GLY A 443 24.95 -4.81 4.30
C GLY A 443 24.99 -5.67 5.56
N GLU A 444 23.82 -5.92 6.14
CA GLU A 444 23.75 -6.73 7.35
C GLU A 444 23.89 -8.21 7.00
N THR A 445 25.08 -8.59 6.58
CA THR A 445 25.36 -9.98 6.19
C THR A 445 25.24 -10.95 7.37
N SER A 446 25.36 -10.43 8.59
CA SER A 446 25.25 -11.27 9.78
C SER A 446 23.83 -11.78 9.94
N PHE A 447 22.88 -11.16 9.24
CA PHE A 447 21.48 -11.56 9.33
C PHE A 447 21.27 -13.04 8.98
N PHE A 448 22.05 -13.55 8.03
CA PHE A 448 21.92 -14.93 7.61
C PHE A 448 22.18 -15.94 8.72
N ASP A 449 22.95 -15.54 9.73
CA ASP A 449 23.28 -16.43 10.85
C ASP A 449 22.29 -16.36 12.00
N GLN A 450 21.41 -15.36 12.01
CA GLN A 450 20.45 -15.22 13.08
C GLN A 450 19.51 -16.43 13.16
N MET A 451 19.30 -16.92 14.37
CA MET A 451 18.43 -18.07 14.60
C MET A 451 16.99 -17.61 14.81
N ILE A 452 16.08 -18.15 14.02
CA ILE A 452 14.66 -17.79 14.13
C ILE A 452 13.82 -19.05 14.22
N PRO A 453 12.90 -19.10 15.20
CA PRO A 453 12.04 -20.27 15.39
C PRO A 453 11.01 -20.43 14.27
N TYR A 454 10.71 -21.69 13.95
CA TYR A 454 9.71 -21.98 12.93
C TYR A 454 8.36 -21.85 13.63
N ALA A 455 7.32 -21.53 12.86
CA ALA A 455 5.98 -21.36 13.41
C ALA A 455 5.49 -22.61 14.13
N ASP A 456 5.92 -23.77 13.65
CA ASP A 456 5.49 -25.04 14.24
C ASP A 456 6.52 -25.71 15.15
N GLY A 457 7.41 -24.92 15.73
CA GLY A 457 8.41 -25.47 16.63
C GLY A 457 9.80 -25.65 16.06
N GLY A 458 10.79 -25.46 16.92
CA GLY A 458 12.17 -25.60 16.50
C GLY A 458 12.67 -24.27 15.95
N GLU A 459 13.93 -24.24 15.55
CA GLU A 459 14.50 -23.03 15.00
C GLU A 459 15.62 -23.36 14.04
N ALA A 460 16.06 -22.34 13.28
CA ALA A 460 17.12 -22.51 12.33
C ALA A 460 17.59 -21.12 11.93
N SER A 461 18.75 -21.05 11.30
CA SER A 461 19.30 -19.78 10.87
C SER A 461 18.45 -19.25 9.71
N VAL A 462 18.56 -17.96 9.45
CA VAL A 462 17.83 -17.35 8.33
C VAL A 462 18.22 -18.09 7.05
N TYR A 463 19.50 -18.41 6.94
CA TYR A 463 20.04 -19.12 5.78
C TYR A 463 19.34 -20.46 5.59
N GLU A 464 19.17 -21.21 6.67
CA GLU A 464 18.52 -22.51 6.60
C GLU A 464 17.01 -22.40 6.35
N HIS A 465 16.41 -21.29 6.80
CA HIS A 465 14.98 -21.07 6.56
C HIS A 465 14.80 -21.00 5.05
N MET A 466 15.70 -20.25 4.42
CA MET A 466 15.70 -20.04 2.98
C MET A 466 15.84 -21.34 2.20
N LYS A 467 16.74 -22.21 2.67
CA LYS A 467 16.96 -23.51 2.02
C LYS A 467 15.72 -24.39 2.21
N ALA A 468 15.08 -24.28 3.36
CA ALA A 468 13.90 -25.08 3.62
C ALA A 468 12.83 -24.72 2.59
N ALA A 469 12.76 -23.43 2.23
CA ALA A 469 11.78 -22.95 1.26
C ALA A 469 12.09 -23.48 -0.15
N LEU A 470 13.35 -23.38 -0.55
CA LEU A 470 13.75 -23.83 -1.88
C LEU A 470 13.58 -25.33 -2.06
N ASP A 471 13.87 -26.09 -1.00
CA ASP A 471 13.75 -27.55 -1.07
C ASP A 471 12.31 -27.98 -1.16
N PHE A 472 11.41 -27.23 -0.54
CA PHE A 472 9.99 -27.56 -0.57
C PHE A 472 9.45 -27.55 -2.01
N SER A 473 9.83 -26.53 -2.77
CA SER A 473 9.37 -26.42 -4.15
C SER A 473 9.99 -27.46 -5.06
N ALA A 474 11.18 -27.93 -4.70
CA ALA A 474 11.86 -28.95 -5.49
C ALA A 474 11.15 -30.27 -5.28
N GLU A 475 10.63 -30.46 -4.07
CA GLU A 475 9.92 -31.68 -3.71
C GLU A 475 8.50 -31.72 -4.27
N TYR A 476 7.79 -30.60 -4.14
CA TYR A 476 6.40 -30.55 -4.63
C TYR A 476 6.26 -30.17 -6.10
N VAL A 477 6.65 -31.10 -6.97
CA VAL A 477 6.55 -30.93 -8.42
C VAL A 477 5.85 -32.14 -9.02
N GLY A 478 5.49 -32.03 -10.30
CA GLY A 478 4.83 -33.13 -10.99
C GLY A 478 5.87 -34.03 -11.64
N GLN A 479 5.41 -35.03 -12.39
CA GLN A 479 6.35 -35.96 -13.03
C GLN A 479 7.17 -35.29 -14.14
N THR A 480 6.69 -34.14 -14.62
CA THR A 480 7.41 -33.43 -15.67
C THR A 480 8.44 -32.49 -15.05
N GLY A 481 8.33 -32.28 -13.74
CA GLY A 481 9.28 -31.42 -13.06
C GLY A 481 8.78 -30.00 -12.87
N ILE A 482 7.48 -29.79 -13.00
CA ILE A 482 6.90 -28.46 -12.83
C ILE A 482 6.25 -28.38 -11.43
N CYS A 483 6.42 -27.23 -10.77
CA CYS A 483 5.87 -27.03 -9.45
C CYS A 483 4.36 -27.17 -9.37
N LYS A 484 3.89 -27.90 -8.35
CA LYS A 484 2.46 -28.11 -8.13
C LYS A 484 1.80 -26.80 -7.70
N GLY A 485 0.58 -26.58 -8.18
CA GLY A 485 -0.14 -25.38 -7.84
C GLY A 485 -0.67 -25.46 -6.41
N LEU A 486 -0.90 -26.68 -5.93
CA LEU A 486 -1.41 -26.89 -4.59
C LEU A 486 -2.71 -26.13 -4.43
N ARG A 487 -2.93 -25.55 -3.26
CA ARG A 487 -4.15 -24.79 -3.00
C ARG A 487 -4.32 -23.69 -4.01
N ALA A 488 -3.21 -23.01 -4.32
CA ALA A 488 -3.24 -21.92 -5.28
C ALA A 488 -1.85 -21.31 -5.41
N ASP A 489 -1.54 -20.79 -6.60
CA ASP A 489 -0.25 -20.15 -6.79
C ASP A 489 -0.48 -18.65 -6.62
N TRP A 490 0.33 -17.82 -7.29
CA TRP A 490 0.14 -16.38 -7.16
C TRP A 490 -1.34 -16.02 -7.35
N ASN A 491 -1.92 -16.56 -8.41
CA ASN A 491 -3.33 -16.34 -8.73
C ASN A 491 -4.17 -17.19 -7.77
N ASP A 492 -4.78 -16.55 -6.78
CA ASP A 492 -5.60 -17.24 -5.79
C ASP A 492 -6.73 -18.05 -6.42
N CYS A 493 -7.12 -17.67 -7.62
CA CYS A 493 -8.20 -18.36 -8.30
C CYS A 493 -7.70 -19.45 -9.25
N LEU A 494 -6.43 -19.83 -9.09
CA LEU A 494 -5.84 -20.90 -9.89
C LEU A 494 -5.51 -22.01 -8.89
N ASN A 495 -6.43 -22.94 -8.77
CA ASN A 495 -6.29 -24.04 -7.84
C ASN A 495 -6.14 -25.35 -8.59
N LEU A 496 -4.89 -25.78 -8.74
CA LEU A 496 -4.58 -27.01 -9.46
C LEU A 496 -4.32 -28.19 -8.54
N GLY A 497 -4.06 -27.91 -7.26
CA GLY A 497 -3.79 -28.97 -6.32
C GLY A 497 -2.66 -29.80 -6.88
N GLY A 498 -3.00 -30.99 -7.37
CA GLY A 498 -2.00 -31.86 -7.97
C GLY A 498 -1.57 -31.30 -9.30
N GLY A 499 -2.29 -30.28 -9.77
CA GLY A 499 -1.96 -29.63 -11.03
C GLY A 499 -0.64 -28.89 -10.95
N GLU A 500 -0.14 -28.40 -12.08
CA GLU A 500 1.13 -27.71 -12.12
C GLU A 500 1.05 -26.27 -12.59
N SER A 501 1.83 -25.40 -11.96
CA SER A 501 1.84 -23.98 -12.27
C SER A 501 3.14 -23.50 -12.90
N SER A 502 3.05 -22.90 -14.08
CA SER A 502 4.23 -22.35 -14.75
C SER A 502 4.80 -21.25 -13.88
N MET A 503 3.91 -20.41 -13.37
CA MET A 503 4.26 -19.27 -12.52
C MET A 503 5.12 -19.67 -11.32
N VAL A 504 4.75 -20.75 -10.65
CA VAL A 504 5.54 -21.19 -9.49
C VAL A 504 6.92 -21.68 -9.91
N SER A 505 7.00 -22.44 -11.00
CA SER A 505 8.30 -22.93 -11.45
C SER A 505 9.21 -21.78 -11.84
N PHE A 506 8.65 -20.75 -12.47
CA PHE A 506 9.47 -19.61 -12.85
C PHE A 506 9.91 -18.86 -11.60
N LEU A 507 9.01 -18.74 -10.63
CA LEU A 507 9.35 -18.05 -9.37
C LEU A 507 10.46 -18.84 -8.67
N HIS A 508 10.35 -20.17 -8.71
CA HIS A 508 11.34 -21.03 -8.08
C HIS A 508 12.71 -20.77 -8.71
N PHE A 509 12.75 -20.66 -10.03
CA PHE A 509 14.01 -20.41 -10.72
C PHE A 509 14.59 -19.08 -10.28
N TRP A 510 13.76 -18.05 -10.24
CA TRP A 510 14.22 -16.74 -9.82
C TRP A 510 14.79 -16.81 -8.42
N ALA A 511 14.07 -17.46 -7.51
CA ALA A 511 14.51 -17.61 -6.13
C ALA A 511 15.85 -18.35 -6.08
N LEU A 512 16.00 -19.37 -6.91
CA LEU A 512 17.22 -20.16 -6.96
C LEU A 512 18.40 -19.32 -7.45
N GLN A 513 18.17 -18.53 -8.49
CA GLN A 513 19.23 -17.68 -9.02
C GLN A 513 19.70 -16.70 -7.96
N GLU A 514 18.75 -16.16 -7.20
CA GLU A 514 19.09 -15.23 -6.15
C GLU A 514 19.90 -15.94 -5.07
N PHE A 515 19.46 -17.13 -4.68
CA PHE A 515 20.14 -17.89 -3.65
C PHE A 515 21.53 -18.33 -4.09
N ILE A 516 21.68 -18.68 -5.36
CA ILE A 516 22.98 -19.10 -5.86
C ILE A 516 23.98 -17.95 -5.71
N ASP A 517 23.58 -16.75 -6.11
CA ASP A 517 24.47 -15.59 -5.99
C ASP A 517 24.85 -15.39 -4.53
N LEU A 518 23.93 -15.67 -3.62
CA LEU A 518 24.18 -15.51 -2.20
C LEU A 518 25.22 -16.52 -1.72
N ALA A 519 24.96 -17.79 -1.98
CA ALA A 519 25.88 -18.86 -1.58
C ALA A 519 27.26 -18.59 -2.16
N LYS A 520 27.28 -18.11 -3.40
CA LYS A 520 28.54 -17.82 -4.06
C LYS A 520 29.24 -16.72 -3.26
N PHE A 521 28.48 -15.70 -2.86
CA PHE A 521 29.02 -14.59 -2.08
C PHE A 521 29.48 -15.02 -0.68
N LEU A 522 28.79 -16.00 -0.09
CA LEU A 522 29.15 -16.46 1.24
C LEU A 522 30.18 -17.59 1.19
N GLY A 523 30.59 -17.95 -0.03
CA GLY A 523 31.56 -19.02 -0.18
C GLY A 523 31.03 -20.39 0.21
N LYS A 524 29.72 -20.59 0.07
CA LYS A 524 29.09 -21.87 0.38
C LYS A 524 29.08 -22.72 -0.88
N ASP A 525 30.27 -23.15 -1.29
CA ASP A 525 30.45 -23.94 -2.51
C ASP A 525 29.49 -25.11 -2.70
N GLN A 526 29.26 -25.88 -1.64
CA GLN A 526 28.36 -27.03 -1.74
C GLN A 526 26.95 -26.61 -2.11
N ASP A 527 26.44 -25.56 -1.48
CA ASP A 527 25.09 -25.09 -1.78
C ASP A 527 25.04 -24.55 -3.21
N VAL A 528 26.13 -23.92 -3.64
CA VAL A 528 26.20 -23.39 -4.99
C VAL A 528 25.98 -24.51 -5.99
N ASN A 529 26.67 -25.64 -5.78
CA ASN A 529 26.54 -26.78 -6.67
C ASN A 529 25.14 -27.38 -6.61
N THR A 530 24.67 -27.63 -5.39
CA THR A 530 23.35 -28.20 -5.19
C THR A 530 22.24 -27.44 -5.88
N TYR A 531 22.13 -26.15 -5.57
CA TYR A 531 21.07 -25.32 -6.13
C TYR A 531 21.27 -24.92 -7.58
N THR A 532 22.52 -24.88 -8.04
CA THR A 532 22.78 -24.56 -9.44
C THR A 532 22.23 -25.74 -10.23
N GLU A 533 22.42 -26.94 -9.71
CA GLU A 533 21.92 -28.14 -10.34
C GLU A 533 20.39 -28.14 -10.34
N MET A 534 19.82 -27.78 -9.18
CA MET A 534 18.38 -27.74 -9.04
C MET A 534 17.81 -26.74 -10.05
N ALA A 535 18.45 -25.59 -10.19
CA ALA A 535 18.02 -24.57 -11.12
C ALA A 535 18.08 -25.08 -12.56
N ALA A 536 19.15 -25.83 -12.86
CA ALA A 536 19.34 -26.38 -14.19
C ALA A 536 18.16 -27.28 -14.57
N ASN A 537 17.72 -28.10 -13.63
CA ASN A 537 16.60 -29.00 -13.87
C ASN A 537 15.28 -28.25 -14.06
N VAL A 538 15.09 -27.17 -13.32
CA VAL A 538 13.87 -26.40 -13.45
C VAL A 538 13.80 -25.79 -14.83
N ARG A 539 14.92 -25.23 -15.29
CA ARG A 539 14.96 -24.59 -16.59
C ARG A 539 14.70 -25.58 -17.73
N GLU A 540 15.34 -26.74 -17.68
CA GLU A 540 15.14 -27.73 -18.73
C GLU A 540 13.69 -28.20 -18.75
N ALA A 541 13.12 -28.42 -17.57
CA ALA A 541 11.74 -28.86 -17.47
C ALA A 541 10.79 -27.80 -18.01
N CYS A 542 11.04 -26.53 -17.69
CA CYS A 542 10.17 -25.46 -18.16
C CYS A 542 10.28 -25.25 -19.67
N GLU A 543 11.51 -25.20 -20.18
CA GLU A 543 11.75 -24.98 -21.60
C GLU A 543 11.25 -26.16 -22.44
N THR A 544 11.23 -27.34 -21.85
CA THR A 544 10.78 -28.54 -22.55
C THR A 544 9.26 -28.71 -22.57
N HIS A 545 8.61 -28.39 -21.46
CA HIS A 545 7.16 -28.58 -21.37
C HIS A 545 6.22 -27.37 -21.42
N LEU A 546 6.71 -26.19 -21.06
CA LEU A 546 5.84 -25.01 -20.99
C LEU A 546 5.75 -24.08 -22.19
N TRP A 547 6.58 -24.29 -23.20
CA TRP A 547 6.53 -23.44 -24.39
C TRP A 547 5.54 -23.97 -25.40
N ASP A 548 4.72 -23.07 -25.93
CA ASP A 548 3.73 -23.41 -26.95
C ASP A 548 4.31 -22.83 -28.23
N ASP A 549 4.87 -23.68 -29.10
CA ASP A 549 5.48 -23.19 -30.33
C ASP A 549 4.51 -22.87 -31.45
N GLU A 550 3.22 -23.04 -31.20
CA GLU A 550 2.23 -22.69 -32.21
C GLU A 550 1.86 -21.23 -31.99
N GLY A 551 1.64 -20.87 -30.73
CA GLY A 551 1.28 -19.50 -30.41
C GLY A 551 2.48 -18.60 -30.16
N GLY A 552 3.56 -19.18 -29.67
CA GLY A 552 4.75 -18.42 -29.38
C GLY A 552 4.72 -17.77 -28.01
N TRP A 553 4.46 -18.59 -26.99
CA TRP A 553 4.40 -18.10 -25.62
C TRP A 553 4.43 -19.25 -24.62
N TYR A 554 4.49 -18.93 -23.34
CA TYR A 554 4.51 -19.94 -22.28
C TYR A 554 3.10 -20.16 -21.74
N ILE A 555 2.74 -21.43 -21.56
CA ILE A 555 1.42 -21.80 -21.04
C ILE A 555 1.34 -21.44 -19.56
N ARG A 556 0.12 -21.40 -19.04
CA ARG A 556 -0.09 -21.08 -17.63
C ARG A 556 0.25 -22.26 -16.73
N GLY A 557 0.03 -23.47 -17.23
CA GLY A 557 0.31 -24.65 -16.45
C GLY A 557 -0.40 -25.88 -17.00
N LEU A 558 -0.58 -26.89 -16.16
CA LEU A 558 -1.26 -28.12 -16.58
C LEU A 558 -2.25 -28.58 -15.50
N THR A 559 -3.38 -29.12 -15.93
CA THR A 559 -4.37 -29.61 -14.96
C THR A 559 -3.80 -30.86 -14.32
N LYS A 560 -4.47 -31.34 -13.27
CA LYS A 560 -4.01 -32.54 -12.58
C LYS A 560 -4.05 -33.73 -13.53
N ASN A 561 -4.85 -33.64 -14.59
CA ASN A 561 -4.96 -34.73 -15.55
C ASN A 561 -3.98 -34.58 -16.72
N GLY A 562 -3.08 -33.61 -16.60
CA GLY A 562 -2.08 -33.41 -17.64
C GLY A 562 -2.46 -32.55 -18.83
N ASP A 563 -3.61 -31.89 -18.80
CA ASP A 563 -3.99 -31.05 -19.92
C ASP A 563 -3.37 -29.67 -19.80
N LYS A 564 -2.67 -29.24 -20.84
CA LYS A 564 -2.04 -27.94 -20.83
C LYS A 564 -3.07 -26.81 -20.80
N ILE A 565 -2.76 -25.78 -20.02
CA ILE A 565 -3.64 -24.62 -19.90
C ILE A 565 -2.93 -23.39 -20.46
N GLY A 566 -3.53 -22.77 -21.47
CA GLY A 566 -2.94 -21.59 -22.08
C GLY A 566 -2.24 -21.92 -23.39
N THR A 567 -2.94 -22.60 -24.29
CA THR A 567 -2.37 -22.98 -25.59
C THR A 567 -3.01 -22.20 -26.74
N ALA A 568 -2.34 -22.19 -27.88
CA ALA A 568 -2.81 -21.49 -29.06
C ALA A 568 -4.08 -22.11 -29.65
N GLN A 569 -4.35 -23.37 -29.30
CA GLN A 569 -5.52 -24.06 -29.83
C GLN A 569 -6.80 -23.93 -29.00
N GLN A 570 -6.68 -23.50 -27.75
CA GLN A 570 -7.85 -23.37 -26.89
C GLN A 570 -8.69 -22.15 -27.24
N GLN A 571 -9.97 -22.22 -26.90
CA GLN A 571 -10.89 -21.12 -27.17
C GLN A 571 -10.89 -20.06 -26.07
N GLU A 572 -10.53 -20.45 -24.86
CA GLU A 572 -10.50 -19.53 -23.73
C GLU A 572 -9.18 -19.59 -22.98
N GLY A 573 -8.78 -18.46 -22.40
CA GLY A 573 -7.54 -18.41 -21.64
C GLY A 573 -6.31 -18.93 -22.36
N ARG A 574 -6.01 -18.32 -23.50
CA ARG A 574 -4.85 -18.73 -24.29
C ARG A 574 -3.54 -18.09 -23.81
N VAL A 575 -3.56 -16.77 -23.69
CA VAL A 575 -2.36 -16.03 -23.28
C VAL A 575 -2.47 -15.55 -21.83
N HIS A 576 -1.45 -15.87 -21.04
CA HIS A 576 -1.44 -15.50 -19.62
C HIS A 576 -0.28 -14.59 -19.26
N LEU A 577 -0.59 -13.53 -18.53
CA LEU A 577 0.40 -12.55 -18.14
C LEU A 577 1.47 -13.05 -17.16
N GLU A 578 1.05 -13.72 -16.09
CA GLU A 578 2.02 -14.17 -15.09
C GLU A 578 3.10 -15.09 -15.60
N SER A 579 2.71 -16.13 -16.32
CA SER A 579 3.69 -17.08 -16.83
C SER A 579 4.67 -16.41 -17.77
N ASN A 580 4.15 -15.68 -18.75
CA ASN A 580 5.01 -15.03 -19.73
C ASN A 580 5.94 -13.94 -19.18
N THR A 581 5.46 -13.15 -18.23
CA THR A 581 6.32 -12.11 -17.69
C THR A 581 7.37 -12.73 -16.77
N LEU A 582 6.97 -13.70 -15.94
CA LEU A 582 7.90 -14.33 -15.02
C LEU A 582 8.95 -15.20 -15.69
N ALA A 583 8.62 -15.75 -16.85
CA ALA A 583 9.58 -16.58 -17.58
C ALA A 583 10.80 -15.72 -17.89
N VAL A 584 10.54 -14.45 -18.16
CA VAL A 584 11.61 -13.50 -18.48
C VAL A 584 12.22 -12.88 -17.22
N LEU A 585 11.37 -12.38 -16.33
CA LEU A 585 11.84 -11.77 -15.10
C LEU A 585 12.76 -12.70 -14.31
N SER A 586 12.39 -13.97 -14.25
CA SER A 586 13.18 -14.95 -13.50
C SER A 586 14.53 -15.21 -14.15
N GLY A 587 14.66 -14.87 -15.43
CA GLY A 587 15.90 -15.10 -16.15
C GLY A 587 15.95 -16.50 -16.74
N LEU A 588 14.84 -17.23 -16.64
CA LEU A 588 14.82 -18.60 -17.16
C LEU A 588 14.76 -18.65 -18.69
N ALA A 589 13.82 -17.92 -19.28
CA ALA A 589 13.63 -17.91 -20.73
C ALA A 589 14.76 -17.27 -21.53
N SER A 590 15.01 -17.82 -22.71
CA SER A 590 16.03 -17.29 -23.60
C SER A 590 15.53 -15.94 -24.10
N GLN A 591 16.42 -15.16 -24.69
CA GLN A 591 16.08 -13.85 -25.22
C GLN A 591 15.05 -14.00 -26.33
N GLU A 592 15.24 -15.02 -27.16
CA GLU A 592 14.35 -15.29 -28.28
C GLU A 592 12.93 -15.59 -27.82
N ARG A 593 12.76 -16.57 -26.94
CA ARG A 593 11.44 -16.92 -26.46
C ARG A 593 10.88 -15.79 -25.64
N GLY A 594 11.76 -15.10 -24.92
CA GLY A 594 11.33 -13.98 -24.11
C GLY A 594 10.64 -12.91 -24.92
N GLU A 595 11.28 -12.45 -25.99
CA GLU A 595 10.70 -11.41 -26.85
C GLU A 595 9.38 -11.83 -27.48
N GLN A 596 9.33 -13.07 -27.97
CA GLN A 596 8.12 -13.55 -28.62
C GLN A 596 6.97 -13.68 -27.62
N ALA A 597 7.26 -14.21 -26.44
CA ALA A 597 6.23 -14.37 -25.41
C ALA A 597 5.70 -12.99 -25.02
N MET A 598 6.62 -12.05 -24.80
CA MET A 598 6.22 -10.71 -24.41
C MET A 598 5.51 -9.99 -25.56
N ASP A 599 5.80 -10.39 -26.81
CA ASP A 599 5.12 -9.77 -27.94
C ASP A 599 3.67 -10.26 -27.94
N ALA A 600 3.47 -11.50 -27.51
CA ALA A 600 2.14 -12.07 -27.43
C ALA A 600 1.38 -11.32 -26.34
N VAL A 601 2.09 -10.96 -25.27
CA VAL A 601 1.50 -10.22 -24.16
C VAL A 601 1.05 -8.84 -24.63
N ASP A 602 1.91 -8.17 -25.38
CA ASP A 602 1.59 -6.84 -25.90
C ASP A 602 0.41 -6.88 -26.86
N GLU A 603 0.50 -7.74 -27.88
CA GLU A 603 -0.55 -7.84 -28.88
C GLU A 603 -1.92 -8.29 -28.37
N HIS A 604 -1.94 -9.25 -27.45
CA HIS A 604 -3.22 -9.76 -26.96
C HIS A 604 -3.68 -9.30 -25.58
N LEU A 605 -2.79 -8.71 -24.79
CA LEU A 605 -3.18 -8.29 -23.45
C LEU A 605 -3.14 -6.78 -23.18
N PHE A 606 -2.41 -6.03 -24.00
CA PHE A 606 -2.31 -4.59 -23.79
C PHE A 606 -3.57 -3.80 -24.11
N SER A 607 -3.81 -2.79 -23.29
CA SER A 607 -4.94 -1.89 -23.46
C SER A 607 -4.46 -0.55 -22.92
N PRO A 608 -5.15 0.54 -23.27
CA PRO A 608 -4.74 1.86 -22.80
C PRO A 608 -4.76 1.97 -21.27
N TYR A 609 -5.38 0.99 -20.61
CA TYR A 609 -5.48 0.99 -19.15
C TYR A 609 -4.47 0.07 -18.47
N GLY A 610 -3.76 -0.72 -19.27
CA GLY A 610 -2.80 -1.64 -18.71
C GLY A 610 -2.94 -3.00 -19.35
N LEU A 611 -2.17 -3.97 -18.88
CA LEU A 611 -2.19 -5.33 -19.43
C LEU A 611 -3.17 -6.29 -18.75
N HIS A 612 -4.04 -6.92 -19.54
CA HIS A 612 -4.99 -7.89 -19.02
C HIS A 612 -4.23 -9.08 -18.47
N LEU A 613 -4.81 -9.78 -17.51
CA LEU A 613 -4.17 -10.93 -16.89
C LEU A 613 -4.18 -12.15 -17.80
N ASN A 614 -5.20 -12.24 -18.65
CA ASN A 614 -5.33 -13.36 -19.59
C ASN A 614 -6.31 -13.03 -20.70
N ALA A 615 -6.31 -13.86 -21.73
CA ALA A 615 -7.21 -13.68 -22.86
C ALA A 615 -7.21 -14.89 -23.80
N PRO A 616 -8.38 -15.27 -24.32
CA PRO A 616 -9.65 -14.59 -24.02
C PRO A 616 -10.05 -14.96 -22.59
N SER A 617 -11.07 -14.31 -22.07
CA SER A 617 -11.53 -14.61 -20.71
C SER A 617 -12.18 -15.98 -20.71
N PHE A 618 -12.26 -16.62 -19.54
CA PHE A 618 -12.89 -17.92 -19.41
C PHE A 618 -14.39 -17.72 -19.33
N SER A 619 -15.16 -18.66 -19.89
CA SER A 619 -16.61 -18.55 -19.85
C SER A 619 -17.25 -19.89 -19.49
N THR A 620 -16.43 -20.93 -19.50
CA THR A 620 -16.90 -22.27 -19.18
C THR A 620 -16.29 -22.77 -17.88
N PRO A 621 -17.13 -22.99 -16.86
CA PRO A 621 -16.55 -23.47 -15.60
C PRO A 621 -15.78 -24.78 -15.80
N ASN A 622 -14.63 -24.88 -15.15
CA ASN A 622 -13.79 -26.06 -15.25
C ASN A 622 -12.92 -26.08 -14.01
N ASP A 623 -13.26 -26.96 -13.07
CA ASP A 623 -12.53 -27.06 -11.82
C ASP A 623 -11.14 -27.68 -11.94
N ASP A 624 -10.79 -28.13 -13.13
CA ASP A 624 -9.46 -28.70 -13.35
C ASP A 624 -8.50 -27.52 -13.54
N ILE A 625 -9.05 -26.39 -13.99
CA ILE A 625 -8.28 -25.18 -14.20
C ILE A 625 -8.36 -24.31 -12.95
N GLY A 626 -9.56 -24.17 -12.39
CA GLY A 626 -9.71 -23.38 -11.18
C GLY A 626 -10.92 -22.48 -11.10
N PHE A 627 -11.04 -21.79 -9.97
CA PHE A 627 -12.16 -20.89 -9.71
C PHE A 627 -12.23 -19.73 -10.71
N VAL A 628 -11.13 -19.49 -11.41
CA VAL A 628 -11.09 -18.41 -12.39
C VAL A 628 -12.13 -18.62 -13.48
N THR A 629 -12.48 -19.88 -13.74
CA THR A 629 -13.46 -20.20 -14.77
C THR A 629 -14.88 -19.94 -14.28
N ARG A 630 -15.02 -19.56 -13.02
CA ARG A 630 -16.34 -19.28 -12.43
C ARG A 630 -16.49 -17.79 -12.09
N VAL A 631 -15.54 -16.99 -12.56
CA VAL A 631 -15.55 -15.55 -12.31
C VAL A 631 -16.04 -14.79 -13.53
N TYR A 632 -16.70 -13.66 -13.30
CA TYR A 632 -17.20 -12.84 -14.39
C TYR A 632 -16.07 -12.44 -15.34
N GLN A 633 -16.35 -12.40 -16.64
CA GLN A 633 -15.34 -12.02 -17.63
C GLN A 633 -14.94 -10.56 -17.49
N GLY A 634 -13.63 -10.31 -17.51
CA GLY A 634 -13.11 -8.96 -17.37
C GLY A 634 -13.04 -8.50 -15.93
N VAL A 635 -13.33 -9.42 -15.01
CA VAL A 635 -13.34 -9.11 -13.59
C VAL A 635 -12.32 -9.94 -12.78
N LYS A 636 -11.71 -9.30 -11.80
CA LYS A 636 -10.73 -9.95 -10.94
C LYS A 636 -9.74 -10.77 -11.75
N GLU A 637 -9.50 -12.01 -11.32
CA GLU A 637 -8.55 -12.88 -12.00
C GLU A 637 -8.94 -13.34 -13.41
N ASN A 638 -10.22 -13.19 -13.78
CA ASN A 638 -10.64 -13.64 -15.09
C ASN A 638 -10.76 -12.55 -16.18
N GLY A 639 -9.64 -12.23 -16.81
CA GLY A 639 -9.67 -11.25 -17.89
C GLY A 639 -9.64 -9.78 -17.52
N ALA A 640 -9.44 -9.46 -16.25
CA ALA A 640 -9.36 -8.05 -15.87
C ALA A 640 -7.92 -7.59 -15.98
N ILE A 641 -7.70 -6.29 -15.79
CA ILE A 641 -6.35 -5.76 -15.82
C ILE A 641 -5.91 -5.85 -14.35
N PHE A 642 -5.32 -6.99 -14.00
CA PHE A 642 -4.85 -7.19 -12.63
C PHE A 642 -3.51 -6.47 -12.54
N SER A 643 -3.50 -5.37 -11.79
CA SER A 643 -2.32 -4.52 -11.66
C SER A 643 -1.00 -5.15 -11.19
N HIS A 644 -1.07 -5.96 -10.14
CA HIS A 644 0.12 -6.58 -9.58
C HIS A 644 1.15 -7.11 -10.59
N PRO A 645 0.74 -7.97 -11.54
CA PRO A 645 1.64 -8.52 -12.55
C PRO A 645 2.17 -7.53 -13.61
N ASN A 646 1.52 -6.38 -13.75
CA ASN A 646 1.97 -5.43 -14.75
C ASN A 646 3.44 -5.04 -14.60
N PRO A 647 3.88 -4.69 -13.37
CA PRO A 647 5.29 -4.32 -13.21
C PRO A 647 6.24 -5.43 -13.65
N TRP A 648 5.84 -6.69 -13.51
CA TRP A 648 6.71 -7.81 -13.93
C TRP A 648 6.96 -7.68 -15.43
N ALA A 649 5.95 -7.21 -16.15
CA ALA A 649 6.08 -7.02 -17.59
C ALA A 649 7.12 -5.94 -17.88
N TRP A 650 7.17 -4.91 -17.04
CA TRP A 650 8.14 -3.83 -17.24
C TRP A 650 9.54 -4.41 -17.04
N VAL A 651 9.70 -5.16 -15.95
CA VAL A 651 11.00 -5.77 -15.66
C VAL A 651 11.40 -6.67 -16.82
N ALA A 652 10.47 -7.52 -17.27
CA ALA A 652 10.74 -8.43 -18.38
C ALA A 652 11.27 -7.65 -19.57
N GLU A 653 10.60 -6.56 -19.93
CA GLU A 653 11.02 -5.75 -21.06
C GLU A 653 12.41 -5.14 -20.88
N THR A 654 12.77 -4.74 -19.66
CA THR A 654 14.10 -4.17 -19.46
C THR A 654 15.15 -5.25 -19.65
N LYS A 655 14.83 -6.47 -19.24
CA LYS A 655 15.78 -7.57 -19.40
C LYS A 655 15.92 -7.94 -20.86
N LEU A 656 14.92 -7.61 -21.66
CA LEU A 656 14.97 -7.87 -23.10
C LEU A 656 15.57 -6.68 -23.81
N GLY A 657 15.82 -5.62 -23.05
CA GLY A 657 16.41 -4.41 -23.62
C GLY A 657 15.46 -3.55 -24.42
N ARG A 658 14.15 -3.68 -24.17
CA ARG A 658 13.18 -2.89 -24.91
C ARG A 658 12.56 -1.83 -24.00
N GLY A 659 13.32 -0.77 -23.78
CA GLY A 659 12.88 0.32 -22.92
C GLY A 659 11.62 1.03 -23.36
N ASP A 660 11.44 1.19 -24.66
CA ASP A 660 10.25 1.87 -25.15
C ASP A 660 9.01 1.05 -24.85
N ARG A 661 9.12 -0.27 -24.96
CA ARG A 661 8.01 -1.16 -24.68
C ARG A 661 7.68 -1.07 -23.19
N ALA A 662 8.72 -1.12 -22.36
CA ALA A 662 8.53 -1.04 -20.91
C ALA A 662 7.81 0.23 -20.53
N MET A 663 8.24 1.36 -21.08
CA MET A 663 7.61 2.65 -20.75
C MET A 663 6.17 2.76 -21.27
N LYS A 664 5.85 2.07 -22.37
CA LYS A 664 4.50 2.11 -22.87
C LYS A 664 3.60 1.46 -21.83
N PHE A 665 4.09 0.36 -21.24
CA PHE A 665 3.34 -0.36 -20.22
C PHE A 665 3.21 0.50 -18.98
N TYR A 666 4.31 1.15 -18.59
CA TYR A 666 4.29 2.00 -17.40
C TYR A 666 3.30 3.16 -17.53
N ASP A 667 3.37 3.87 -18.66
CA ASP A 667 2.48 5.02 -18.88
C ASP A 667 1.00 4.68 -18.88
N ALA A 668 0.66 3.50 -19.38
CA ALA A 668 -0.73 3.05 -19.44
C ALA A 668 -1.31 2.77 -18.06
N LEU A 669 -0.52 2.21 -17.16
CA LEU A 669 -1.01 1.90 -15.83
C LEU A 669 -0.82 3.02 -14.81
N ASN A 670 0.12 3.93 -15.08
CA ASN A 670 0.39 5.03 -14.16
C ASN A 670 -0.85 5.86 -13.86
N PRO A 671 -1.32 5.83 -12.60
CA PRO A 671 -2.50 6.58 -12.17
C PRO A 671 -2.39 8.07 -12.50
N TYR A 672 -1.19 8.60 -12.38
CA TYR A 672 -0.92 10.02 -12.66
C TYR A 672 -1.48 10.45 -14.02
N ASN A 673 -1.26 9.64 -15.05
CA ASN A 673 -1.72 9.98 -16.38
C ASN A 673 -3.23 9.92 -16.58
N GLN A 674 -3.94 9.39 -15.60
CA GLN A 674 -5.40 9.28 -15.68
C GLN A 674 -6.08 10.31 -14.79
N ASN A 675 -5.36 11.36 -14.44
CA ASN A 675 -5.92 12.40 -13.58
C ASN A 675 -7.16 13.06 -14.18
N ASP A 676 -7.25 13.10 -15.50
CA ASP A 676 -8.38 13.74 -16.15
C ASP A 676 -9.39 12.79 -16.83
N ILE A 677 -9.45 11.54 -16.36
CA ILE A 677 -10.41 10.59 -16.91
C ILE A 677 -11.09 9.88 -15.74
N ILE A 678 -11.29 10.64 -14.66
CA ILE A 678 -11.92 10.10 -13.45
C ILE A 678 -13.30 9.53 -13.73
N GLU A 679 -14.02 10.09 -14.71
CA GLU A 679 -15.35 9.60 -15.03
C GLU A 679 -15.28 8.12 -15.40
N LYS A 680 -14.12 7.69 -15.90
CA LYS A 680 -13.92 6.29 -16.27
C LYS A 680 -13.15 5.51 -15.21
N ARG A 681 -12.07 6.08 -14.70
CA ARG A 681 -11.25 5.40 -13.69
C ARG A 681 -11.92 5.30 -12.31
N ILE A 682 -12.54 6.39 -11.88
CA ILE A 682 -13.22 6.49 -10.60
C ILE A 682 -12.26 6.57 -9.40
N ALA A 683 -11.38 5.59 -9.25
CA ALA A 683 -10.43 5.58 -8.12
C ALA A 683 -9.30 6.62 -8.17
N GLU A 684 -8.63 6.80 -7.03
CA GLU A 684 -7.53 7.75 -6.85
C GLU A 684 -6.48 7.77 -7.96
N PRO A 685 -6.20 8.96 -8.53
CA PRO A 685 -5.21 9.09 -9.59
C PRO A 685 -3.77 9.09 -9.05
N TYR A 686 -3.64 9.02 -7.73
CA TYR A 686 -2.31 9.01 -7.11
C TYR A 686 -1.99 7.65 -6.49
N SER A 687 -2.87 6.68 -6.72
CA SER A 687 -2.68 5.35 -6.15
C SER A 687 -2.96 4.18 -7.10
N TYR A 688 -2.11 3.17 -7.03
CA TYR A 688 -2.29 1.97 -7.85
C TYR A 688 -3.46 1.21 -7.20
N VAL A 689 -4.18 0.44 -8.01
CA VAL A 689 -5.31 -0.32 -7.51
C VAL A 689 -5.13 -1.81 -7.78
N GLN A 690 -5.91 -2.66 -7.11
CA GLN A 690 -5.77 -4.10 -7.33
C GLN A 690 -6.07 -4.49 -8.77
N PHE A 691 -7.18 -4.01 -9.31
CA PHE A 691 -7.52 -4.34 -10.68
C PHE A 691 -8.45 -3.34 -11.34
N ILE A 692 -8.37 -3.28 -12.66
CA ILE A 692 -9.20 -2.40 -13.47
C ILE A 692 -10.05 -3.32 -14.33
N MET A 693 -11.34 -3.03 -14.42
CA MET A 693 -12.23 -3.85 -15.22
C MET A 693 -11.64 -4.03 -16.62
N GLY A 694 -11.61 -5.28 -17.09
CA GLY A 694 -11.06 -5.57 -18.39
C GLY A 694 -12.00 -5.24 -19.52
N ARG A 695 -11.52 -5.42 -20.74
CA ARG A 695 -12.27 -5.16 -21.96
C ARG A 695 -13.60 -5.92 -22.04
N ASP A 696 -13.67 -7.09 -21.41
CA ASP A 696 -14.89 -7.89 -21.45
C ASP A 696 -16.02 -7.42 -20.53
N HIS A 697 -15.75 -6.44 -19.69
CA HIS A 697 -16.78 -5.92 -18.78
C HIS A 697 -17.22 -4.53 -19.25
N GLN A 698 -18.51 -4.23 -19.09
CA GLN A 698 -19.03 -2.95 -19.53
C GLN A 698 -18.43 -1.73 -18.82
N ASP A 699 -17.81 -1.95 -17.66
CA ASP A 699 -17.19 -0.86 -16.92
C ASP A 699 -15.69 -0.78 -17.19
N HIS A 700 -15.26 -1.41 -18.28
CA HIS A 700 -13.85 -1.41 -18.67
C HIS A 700 -13.21 -0.05 -18.39
N GLY A 701 -12.15 -0.05 -17.60
CA GLY A 701 -11.49 1.19 -17.27
C GLY A 701 -11.66 1.61 -15.81
N ARG A 702 -12.74 1.15 -15.17
CA ARG A 702 -12.95 1.50 -13.77
C ARG A 702 -11.92 0.78 -12.90
N ALA A 703 -11.22 1.53 -12.05
CA ALA A 703 -10.19 0.97 -11.17
C ALA A 703 -10.75 0.62 -9.79
N ASN A 704 -10.34 -0.54 -9.27
CA ASN A 704 -10.84 -1.01 -7.97
C ASN A 704 -9.80 -1.39 -6.93
N HIS A 705 -10.04 -0.93 -5.70
CA HIS A 705 -9.20 -1.21 -4.54
C HIS A 705 -7.84 -0.52 -4.53
N PRO A 706 -7.83 0.79 -4.23
CA PRO A 706 -6.57 1.53 -4.20
C PRO A 706 -5.76 1.22 -2.95
N TRP A 707 -4.57 1.82 -2.87
CA TRP A 707 -3.70 1.68 -1.71
C TRP A 707 -3.01 0.36 -1.36
N LEU A 708 -3.75 -0.53 -0.70
CA LEU A 708 -3.17 -1.81 -0.26
C LEU A 708 -3.08 -2.92 -1.30
N THR A 709 -2.25 -2.69 -2.31
CA THR A 709 -2.03 -3.66 -3.38
C THR A 709 -0.52 -3.76 -3.57
N GLY A 710 -0.04 -4.98 -3.80
CA GLY A 710 1.39 -5.18 -4.00
C GLY A 710 1.89 -4.55 -5.29
N THR A 711 0.97 -4.02 -6.08
CA THR A 711 1.32 -3.35 -7.33
C THR A 711 2.24 -2.17 -7.05
N SER A 712 1.99 -1.46 -5.95
CA SER A 712 2.80 -0.30 -5.61
C SER A 712 4.26 -0.67 -5.31
N GLY A 713 4.45 -1.67 -4.45
CA GLY A 713 5.80 -2.09 -4.14
C GLY A 713 6.52 -2.59 -5.37
N TRP A 714 5.84 -3.37 -6.19
CA TRP A 714 6.45 -3.90 -7.40
C TRP A 714 6.75 -2.82 -8.44
N ALA A 715 5.83 -1.87 -8.58
CA ALA A 715 6.02 -0.78 -9.53
C ALA A 715 7.25 0.03 -9.13
N TYR A 716 7.37 0.31 -7.83
CA TYR A 716 8.50 1.07 -7.33
C TYR A 716 9.80 0.32 -7.61
N PHE A 717 9.78 -0.97 -7.28
CA PHE A 717 10.94 -1.84 -7.47
C PHE A 717 11.33 -1.93 -8.95
N ALA A 718 10.34 -2.12 -9.82
CA ALA A 718 10.58 -2.23 -11.26
C ALA A 718 11.19 -0.96 -11.85
N VAL A 719 10.62 0.19 -11.53
CA VAL A 719 11.13 1.45 -12.07
C VAL A 719 12.52 1.80 -11.56
N THR A 720 12.69 1.80 -10.24
CA THR A 720 13.98 2.14 -9.66
C THR A 720 15.10 1.16 -10.00
N ASN A 721 14.82 -0.13 -9.92
CA ASN A 721 15.83 -1.15 -10.17
C ASN A 721 16.03 -1.66 -11.59
N TYR A 722 15.03 -1.51 -12.45
CA TYR A 722 15.15 -2.02 -13.81
C TYR A 722 15.04 -1.00 -14.92
N ILE A 723 14.08 -0.08 -14.83
CA ILE A 723 13.96 0.95 -15.86
C ILE A 723 15.11 1.94 -15.63
N LEU A 724 15.21 2.47 -14.41
CA LEU A 724 16.30 3.40 -14.09
C LEU A 724 17.56 2.57 -13.82
N GLY A 725 17.36 1.26 -13.62
CA GLY A 725 18.44 0.32 -13.43
C GLY A 725 19.42 0.47 -12.28
N VAL A 726 18.98 1.02 -11.16
CA VAL A 726 19.85 1.19 -10.01
C VAL A 726 19.61 0.02 -9.05
N GLN A 727 20.64 -0.80 -8.86
CA GLN A 727 20.52 -1.96 -7.99
C GLN A 727 21.63 -2.11 -6.96
N SER A 728 21.24 -2.25 -5.70
CA SER A 728 22.22 -2.45 -4.66
C SER A 728 22.64 -3.91 -4.79
N GLY A 729 23.88 -4.22 -4.43
CA GLY A 729 24.34 -5.59 -4.53
C GLY A 729 25.15 -5.98 -3.31
N PHE A 730 25.51 -7.26 -3.22
CA PHE A 730 26.29 -7.72 -2.09
C PHE A 730 27.68 -7.07 -2.01
N THR A 731 28.24 -6.74 -3.16
CA THR A 731 29.57 -6.12 -3.19
C THR A 731 29.63 -4.76 -3.86
N GLY A 732 28.54 -4.33 -4.48
CA GLY A 732 28.56 -3.02 -5.11
C GLY A 732 27.24 -2.54 -5.65
N LEU A 733 27.19 -1.27 -6.05
CA LEU A 733 25.99 -0.68 -6.61
C LEU A 733 26.08 -0.75 -8.13
N SER A 734 25.02 -1.25 -8.76
CA SER A 734 24.97 -1.39 -10.20
C SER A 734 24.04 -0.37 -10.85
N VAL A 735 24.43 0.14 -12.01
CA VAL A 735 23.63 1.09 -12.77
C VAL A 735 23.61 0.58 -14.21
N ASP A 736 22.47 0.03 -14.61
CA ASP A 736 22.31 -0.54 -15.94
C ASP A 736 20.87 -0.32 -16.37
N PRO A 737 20.54 0.91 -16.80
CA PRO A 737 19.20 1.32 -17.24
C PRO A 737 18.69 0.77 -18.57
N CYS A 738 17.37 0.78 -18.70
CA CYS A 738 16.70 0.37 -19.93
C CYS A 738 15.57 1.38 -20.05
N ILE A 739 15.84 2.44 -20.81
CA ILE A 739 14.92 3.55 -20.99
C ILE A 739 14.49 3.72 -22.44
N PRO A 740 13.54 4.63 -22.69
CA PRO A 740 13.07 4.88 -24.06
C PRO A 740 14.26 5.41 -24.86
N SER A 741 14.39 4.96 -26.11
CA SER A 741 15.52 5.40 -26.92
C SER A 741 15.61 6.91 -27.14
N ASP A 742 14.49 7.63 -27.03
CA ASP A 742 14.51 9.07 -27.24
C ASP A 742 14.91 9.89 -26.00
N TRP A 743 15.10 9.23 -24.87
CA TRP A 743 15.50 9.93 -23.65
C TRP A 743 16.94 10.39 -23.81
N PRO A 744 17.21 11.69 -23.61
CA PRO A 744 18.58 12.19 -23.74
C PRO A 744 19.40 11.71 -22.54
N GLY A 745 18.69 11.35 -21.47
CA GLY A 745 19.34 10.87 -20.27
C GLY A 745 18.45 11.12 -19.07
N PHE A 746 19.00 10.93 -17.88
CA PHE A 746 18.26 11.17 -16.64
C PHE A 746 19.22 11.21 -15.46
N GLU A 747 18.71 11.63 -14.32
CA GLU A 747 19.54 11.74 -13.12
C GLU A 747 18.84 11.12 -11.92
N VAL A 748 19.63 10.50 -11.05
CA VAL A 748 19.10 9.87 -9.85
C VAL A 748 20.01 10.13 -8.65
N THR A 749 19.39 10.42 -7.51
CA THR A 749 20.13 10.61 -6.27
C THR A 749 19.80 9.34 -5.51
N ARG A 750 20.82 8.55 -5.19
CA ARG A 750 20.63 7.29 -4.49
C ARG A 750 21.44 7.19 -3.22
N GLN A 751 20.76 6.95 -2.11
CA GLN A 751 21.41 6.79 -0.83
C GLN A 751 21.53 5.28 -0.61
N TRP A 752 22.75 4.81 -0.39
CA TRP A 752 22.98 3.37 -0.16
C TRP A 752 24.02 3.16 0.93
N ARG A 753 23.64 2.47 1.98
CA ARG A 753 24.53 2.18 3.11
C ARG A 753 25.24 3.42 3.68
N GLY A 754 24.47 4.46 3.94
CA GLY A 754 25.05 5.67 4.51
C GLY A 754 25.82 6.59 3.58
N ALA A 755 25.93 6.23 2.31
CA ALA A 755 26.64 7.07 1.35
C ALA A 755 25.69 7.51 0.26
N THR A 756 25.97 8.64 -0.37
CA THR A 756 25.12 9.16 -1.43
C THR A 756 25.78 9.00 -2.81
N TYR A 757 24.98 8.58 -3.78
CA TYR A 757 25.46 8.40 -5.14
C TYR A 757 24.65 9.29 -6.09
N HIS A 758 25.29 10.31 -6.61
CA HIS A 758 24.64 11.25 -7.53
C HIS A 758 24.89 10.74 -8.94
N ILE A 759 23.92 9.99 -9.44
CA ILE A 759 23.99 9.37 -10.74
C ILE A 759 23.45 10.19 -11.89
N GLN A 760 24.26 10.32 -12.94
CA GLN A 760 23.86 11.04 -14.14
C GLN A 760 24.01 10.07 -15.30
N VAL A 761 22.91 9.83 -16.00
CA VAL A 761 22.92 8.91 -17.13
C VAL A 761 22.78 9.71 -18.42
N GLU A 762 23.72 9.49 -19.34
CA GLU A 762 23.73 10.18 -20.63
C GLU A 762 23.48 9.19 -21.77
N ASN A 763 22.62 9.58 -22.70
CA ASN A 763 22.26 8.73 -23.83
C ASN A 763 22.41 9.45 -25.17
N PRO A 764 23.66 9.88 -25.50
CA PRO A 764 23.97 10.59 -26.74
C PRO A 764 23.66 9.82 -28.03
N ASP A 765 23.83 8.51 -28.00
CA ASP A 765 23.58 7.70 -29.19
C ASP A 765 22.13 7.22 -29.26
N HIS A 766 21.34 7.63 -28.27
CA HIS A 766 19.94 7.26 -28.22
C HIS A 766 19.64 5.76 -28.36
N VAL A 767 20.21 4.98 -27.46
CA VAL A 767 19.98 3.54 -27.42
C VAL A 767 19.01 3.34 -26.25
N SER A 768 18.63 2.10 -25.98
CA SER A 768 17.71 1.84 -24.88
C SER A 768 18.42 1.24 -23.68
N LYS A 769 19.38 0.36 -23.94
CA LYS A 769 20.13 -0.29 -22.87
C LYS A 769 21.55 -0.56 -23.33
N GLY A 770 22.49 -0.62 -22.39
CA GLY A 770 23.88 -0.87 -22.73
C GLY A 770 24.78 0.24 -22.20
N VAL A 771 25.65 -0.11 -21.26
CA VAL A 771 26.56 0.88 -20.67
C VAL A 771 27.90 0.91 -21.39
N LYS A 772 28.24 2.09 -21.91
CA LYS A 772 29.50 2.25 -22.61
C LYS A 772 30.59 2.45 -21.56
N SER A 773 30.31 3.31 -20.58
CA SER A 773 31.27 3.60 -19.54
C SER A 773 30.64 4.13 -18.27
N ILE A 774 31.36 3.97 -17.16
CA ILE A 774 30.91 4.45 -15.86
C ILE A 774 32.13 5.03 -15.16
N THR A 775 32.00 6.25 -14.66
CA THR A 775 33.09 6.89 -13.95
C THR A 775 32.61 7.18 -12.53
N LEU A 776 33.47 6.89 -11.55
CA LEU A 776 33.17 7.15 -10.15
C LEU A 776 34.08 8.26 -9.69
N ASN A 777 33.49 9.40 -9.34
CA ASN A 777 34.27 10.54 -8.91
C ASN A 777 35.35 10.90 -9.93
N GLY A 778 34.95 10.96 -11.19
CA GLY A 778 35.87 11.31 -12.26
C GLY A 778 36.77 10.20 -12.74
N ALA A 779 36.80 9.07 -12.02
CA ALA A 779 37.66 7.97 -12.42
C ALA A 779 36.88 6.83 -13.05
N PRO A 780 37.30 6.38 -14.25
CA PRO A 780 36.62 5.28 -14.93
C PRO A 780 36.70 4.00 -14.12
N ILE A 781 35.61 3.24 -14.10
CA ILE A 781 35.57 1.98 -13.37
C ILE A 781 34.90 0.91 -14.22
N GLN A 782 35.08 -0.35 -13.83
CA GLN A 782 34.47 -1.45 -14.56
C GLN A 782 33.48 -2.21 -13.70
N GLY A 783 32.20 -2.10 -14.04
CA GLY A 783 31.18 -2.80 -13.28
C GLY A 783 30.64 -2.11 -12.04
N ARG A 784 30.35 -2.93 -11.04
CA ARG A 784 29.79 -2.48 -9.76
C ARG A 784 30.56 -1.34 -9.10
N ILE A 785 29.81 -0.46 -8.44
CA ILE A 785 30.41 0.65 -7.72
C ILE A 785 30.61 0.15 -6.29
N PRO A 786 31.87 0.02 -5.85
CA PRO A 786 32.12 -0.46 -4.49
C PRO A 786 31.49 0.49 -3.48
N PRO A 787 30.93 -0.07 -2.39
CA PRO A 787 30.31 0.78 -1.37
C PRO A 787 31.32 1.77 -0.81
N GLN A 788 30.98 3.06 -0.84
CA GLN A 788 31.89 4.09 -0.35
C GLN A 788 31.72 4.40 1.14
N ALA A 789 32.65 5.18 1.68
CA ALA A 789 32.65 5.56 3.09
C ALA A 789 31.38 6.24 3.55
N GLN A 790 31.06 6.07 4.83
CA GLN A 790 29.88 6.67 5.43
C GLN A 790 29.86 8.18 5.24
N GLY A 791 28.72 8.71 4.81
CA GLY A 791 28.61 10.14 4.62
C GLY A 791 29.24 10.71 3.36
N SER A 792 29.88 9.87 2.56
CA SER A 792 30.51 10.36 1.34
C SER A 792 29.47 10.64 0.26
N ASP A 793 29.79 11.60 -0.60
CA ASP A 793 28.92 11.99 -1.71
C ASP A 793 29.73 11.69 -2.96
N ASN A 794 29.19 10.81 -3.80
CA ASN A 794 29.90 10.38 -4.99
C ASN A 794 29.20 10.72 -6.29
N GLN A 795 29.98 11.20 -7.26
CA GLN A 795 29.43 11.53 -8.57
C GLN A 795 29.62 10.32 -9.47
N VAL A 796 28.52 9.84 -10.05
CA VAL A 796 28.57 8.69 -10.93
C VAL A 796 28.00 9.08 -12.29
N VAL A 797 28.85 9.00 -13.31
CA VAL A 797 28.43 9.33 -14.67
C VAL A 797 28.37 8.06 -15.48
N VAL A 798 27.17 7.75 -15.98
CA VAL A 798 26.96 6.57 -16.79
C VAL A 798 26.61 7.01 -18.20
N VAL A 799 27.37 6.54 -19.17
CA VAL A 799 27.14 6.87 -20.56
C VAL A 799 26.67 5.62 -21.30
N LEU A 800 25.47 5.68 -21.86
CA LEU A 800 24.92 4.54 -22.59
C LEU A 800 25.47 4.57 -24.01
N GLY A 801 25.61 3.39 -24.62
CA GLY A 801 26.12 3.34 -25.98
C GLY A 801 26.24 1.95 -26.53
C1 NDG B . -10.82 -14.59 -3.64
C2 NDG B . -10.48 -13.32 -4.53
C3 NDG B . -8.95 -13.09 -4.54
C4 NDG B . -8.53 -12.83 -3.05
C5 NDG B . -8.87 -14.08 -2.16
C6 NDG B . -8.51 -13.90 -0.73
C7 NDG B . -12.32 -13.37 -6.19
C8 NDG B . -12.61 -13.55 -7.62
O5 NDG B . -10.31 -14.37 -2.32
O3 NDG B . -8.62 -11.94 -5.32
O4 NDG B . -7.11 -12.63 -3.04
O6 NDG B . -8.81 -14.99 0.10
O7 NDG B . -13.19 -13.08 -5.47
N2 NDG B . -11.02 -13.57 -5.86
O1 NDG B . -10.24 -15.79 -4.20
C1 NAG C . -4.93 -10.58 -4.31
C2 NAG C . -4.18 -11.34 -3.15
C3 NAG C . -2.73 -11.68 -3.61
C4 NAG C . -2.87 -12.65 -4.83
C5 NAG C . -3.64 -11.91 -5.99
C6 NAG C . -3.88 -12.75 -7.20
C7 NAG C . -4.57 -10.75 -0.73
C8 NAG C . -4.51 -9.65 0.23
N2 NAG C . -4.22 -10.44 -2.01
O1 NAG C . -6.36 -10.29 -3.92
O3 NAG C . -2.02 -12.38 -2.59
O4 NAG C . -1.53 -12.96 -5.24
O5 NAG C . -4.93 -11.42 -5.47
O6 NAG C . -4.87 -13.74 -7.03
O7 NAG C . -5.00 -12.19 -0.22
CA CA D . -11.54 -0.57 30.08
CA CA E . 26.85 12.97 2.57
S SO4 F . -2.76 -7.46 -4.81
O1 SO4 F . -3.33 -7.95 -3.54
O2 SO4 F . -1.34 -7.14 -4.60
O3 SO4 F . -2.88 -8.49 -5.84
O4 SO4 F . -3.50 -6.25 -5.23
#